data_5RLR
#
_entry.id   5RLR
#
_cell.length_a   59.250
_cell.length_b   70.242
_cell.length_c   85.595
_cell.angle_alpha   102.480
_cell.angle_beta   96.280
_cell.angle_gamma   112.500
#
_symmetry.space_group_name_H-M   'P 1'
#
loop_
_entity.id
_entity.type
_entity.pdbx_description
1 polymer Helicase
2 non-polymer 'ZINC ION'
3 non-polymer 'PHOSPHATE ION'
4 non-polymer (1R)-2-(methylsulfonyl)-1-phenylethan-1-ol
5 water water
#
_entity_poly.entity_id   1
_entity_poly.type   'polypeptide(L)'
_entity_poly.pdbx_seq_one_letter_code
;AVGACVLCNSQTSLRCGACIRRPFLCCKCCYDHVISTSHKLVLSVNPYVCNAPGCDVTDVTQLYLGGMSYYCKSHKPPIS
FPLCANGQVFGLYKNTCVGSDNVTDFNAIATCDWTNAGDYILANTCTERLKLFAAETLKATEETFKLSYGIATVREVLSD
RELHLSWEVGKPRPPLNRNYVFTGYRVTKNSKVQIGEYTFEKGDYGDAVVYRGTTTYKLNVGDYFVLTSHTVMPLSAPTL
VPQEHYVRITGLYPTLNISDEFSSNVANYQKVGMQKYSTLQGPPGTGKSHFAIGLALYYPSARIVYTACSHAAVDALCEK
ALKYLPIDKCSRIIPARARVECFDKFKVNSTLEQYVFCTVNALPETTADIVVFDEISMATNYDLSVVNARLRAKHYVYIG
DPAQLPAPRTLLTKGTLEPEYFNSVCRLMKTIGPDMFLGTCRRCPAEIVDTVSALVYDNKLKAHKDKSAQCFKMFYKGVI
THDVSSAINRPQIGVVREFLTRNPAWRKAVFISPYNSQNAVASKILGLPTQTVDSSQGSEYDYVIFTQTTETAHSCNVNR
FNVAITRAKVGILCIMSDRDLYDKLQFTSLEIPRRNVATLQ
;
_entity_poly.pdbx_strand_id   A,B
#
loop_
_chem_comp.id
_chem_comp.type
_chem_comp.name
_chem_comp.formula
PO4 non-polymer 'PHOSPHATE ION' 'O4 P -3'
VWD non-polymer (1R)-2-(methylsulfonyl)-1-phenylethan-1-ol 'C9 H12 O3 S'
ZN non-polymer 'ZINC ION' 'Zn 2'
#
# COMPACT_ATOMS: atom_id res chain seq x y z
N ALA A 1 2.64 16.03 -20.20
CA ALA A 1 2.44 16.57 -21.59
C ALA A 1 3.79 16.66 -22.35
N VAL A 2 4.91 16.85 -21.63
CA VAL A 2 6.31 16.87 -22.17
C VAL A 2 7.15 15.86 -21.38
N GLY A 3 7.70 14.85 -22.08
CA GLY A 3 8.52 13.77 -21.51
C GLY A 3 9.65 13.36 -22.45
N ALA A 4 10.10 12.11 -22.33
CA ALA A 4 11.26 11.58 -23.08
C ALA A 4 10.81 10.44 -24.00
N CYS A 5 11.41 10.37 -25.18
CA CYS A 5 11.13 9.37 -26.24
C CYS A 5 11.47 7.96 -25.77
N VAL A 6 10.48 7.06 -25.70
CA VAL A 6 10.68 5.64 -25.24
C VAL A 6 11.75 4.94 -26.12
N LEU A 7 12.14 5.47 -27.28
CA LEU A 7 13.11 4.75 -28.16
C LEU A 7 14.54 5.32 -28.11
N CYS A 8 14.73 6.58 -27.66
CA CYS A 8 16.07 7.26 -27.64
C CYS A 8 16.17 8.30 -26.52
N ASN A 9 15.09 8.51 -25.75
CA ASN A 9 15.04 9.39 -24.56
C ASN A 9 15.08 10.87 -24.98
N SER A 10 15.31 11.19 -26.27
CA SER A 10 15.32 12.57 -26.81
C SER A 10 14.05 13.28 -26.32
N GLN A 11 14.18 14.48 -25.74
CA GLN A 11 13.05 15.26 -25.16
C GLN A 11 12.00 15.46 -26.26
N THR A 12 10.71 15.53 -25.92
CA THR A 12 9.61 15.84 -26.90
C THR A 12 8.29 16.21 -26.20
N SER A 13 7.42 16.89 -26.95
CA SER A 13 6.01 17.20 -26.59
C SER A 13 5.07 16.16 -27.22
N LEU A 14 5.61 15.29 -28.08
CA LEU A 14 4.85 14.34 -28.95
C LEU A 14 4.63 13.00 -28.23
N ARG A 15 3.36 12.61 -28.11
CA ARG A 15 2.88 11.25 -27.74
C ARG A 15 2.15 10.66 -28.95
N CYS A 16 2.14 9.33 -29.13
CA CYS A 16 1.28 8.62 -30.11
C CYS A 16 -0.10 8.40 -29.49
N GLY A 17 -1.15 8.92 -30.11
CA GLY A 17 -2.53 8.87 -29.55
C GLY A 17 -3.20 7.56 -29.89
N ALA A 18 -2.52 6.69 -30.64
CA ALA A 18 -3.04 5.43 -31.21
C ALA A 18 -2.54 4.24 -30.39
N CYS A 19 -1.25 4.23 -30.02
CA CYS A 19 -0.70 3.35 -28.95
C CYS A 19 -1.58 3.38 -27.70
N ILE A 20 -1.96 2.20 -27.19
CA ILE A 20 -2.84 2.04 -25.99
C ILE A 20 -2.16 2.65 -24.75
N ARG A 21 -0.81 2.73 -24.72
CA ARG A 21 -0.04 3.32 -23.58
C ARG A 21 0.25 4.82 -23.77
N ARG A 22 0.20 5.34 -25.01
CA ARG A 22 0.45 6.78 -25.34
C ARG A 22 1.90 7.13 -25.04
N PRO A 23 2.88 6.37 -25.61
CA PRO A 23 4.30 6.64 -25.41
C PRO A 23 4.77 7.94 -26.08
N PHE A 24 5.55 8.71 -25.33
CA PHE A 24 6.36 9.86 -25.79
C PHE A 24 7.28 9.39 -26.94
N LEU A 25 7.16 10.02 -28.11
CA LEU A 25 8.03 9.77 -29.28
C LEU A 25 8.64 11.10 -29.73
N CYS A 26 9.96 11.13 -29.92
CA CYS A 26 10.69 12.31 -30.45
C CYS A 26 10.29 12.46 -31.91
N CYS A 27 10.50 13.65 -32.45
CA CYS A 27 10.17 14.05 -33.85
C CYS A 27 10.67 12.98 -34.84
N LYS A 28 11.94 12.55 -34.79
CA LYS A 28 12.50 11.53 -35.72
C LYS A 28 11.72 10.21 -35.56
N CYS A 29 11.60 9.71 -34.33
CA CYS A 29 11.04 8.38 -33.96
C CYS A 29 9.51 8.37 -34.14
N CYS A 30 8.84 9.49 -33.89
CA CYS A 30 7.37 9.65 -34.09
C CYS A 30 7.01 9.56 -35.58
N TYR A 31 7.87 10.08 -36.45
CA TYR A 31 7.69 10.04 -37.92
C TYR A 31 7.72 8.57 -38.35
N ASP A 32 8.82 7.89 -38.03
CA ASP A 32 9.10 6.51 -38.48
C ASP A 32 8.07 5.55 -37.86
N HIS A 33 7.41 5.93 -36.76
CA HIS A 33 6.20 5.24 -36.22
C HIS A 33 5.04 5.44 -37.20
N VAL A 34 4.61 6.68 -37.43
CA VAL A 34 3.30 6.99 -38.11
C VAL A 34 3.41 6.69 -39.60
N ILE A 35 4.60 6.77 -40.19
CA ILE A 35 4.75 6.50 -41.65
C ILE A 35 4.71 4.99 -41.92
N SER A 36 4.89 4.13 -40.90
CA SER A 36 5.04 2.66 -41.06
C SER A 36 3.88 1.89 -40.43
N THR A 37 3.00 2.54 -39.67
CA THR A 37 1.90 1.86 -38.94
C THR A 37 0.56 2.51 -39.34
N SER A 38 -0.55 1.86 -39.01
CA SER A 38 -1.91 2.44 -39.04
C SER A 38 -2.02 3.59 -38.01
N HIS A 39 -0.98 3.81 -37.18
CA HIS A 39 -0.97 4.82 -36.09
C HIS A 39 -0.65 6.21 -36.69
N LYS A 40 -1.63 7.11 -36.75
CA LYS A 40 -1.45 8.47 -37.36
C LYS A 40 -1.91 9.58 -36.41
N LEU A 41 -2.65 9.29 -35.34
CA LEU A 41 -2.97 10.31 -34.31
C LEU A 41 -1.72 10.57 -33.46
N VAL A 42 -1.22 11.81 -33.53
CA VAL A 42 -0.15 12.36 -32.67
C VAL A 42 -0.79 13.33 -31.67
N LEU A 43 -0.31 13.35 -30.43
CA LEU A 43 -0.77 14.29 -29.37
C LEU A 43 0.43 15.19 -28.98
N SER A 44 0.16 16.49 -28.77
CA SER A 44 1.04 17.48 -28.07
C SER A 44 0.19 18.11 -26.95
N VAL A 45 0.53 19.31 -26.47
CA VAL A 45 -0.31 20.02 -25.46
C VAL A 45 -1.75 19.96 -25.97
N ASN A 46 -1.90 20.32 -27.25
CA ASN A 46 -3.13 20.20 -28.08
C ASN A 46 -2.92 19.03 -29.03
N PRO A 47 -3.96 18.26 -29.41
CA PRO A 47 -3.77 17.19 -30.38
C PRO A 47 -3.52 17.72 -31.82
N TYR A 48 -2.84 16.93 -32.63
CA TYR A 48 -2.61 17.16 -34.08
C TYR A 48 -3.87 16.72 -34.84
N VAL A 49 -4.82 17.67 -34.93
CA VAL A 49 -6.11 17.55 -35.66
C VAL A 49 -6.32 18.90 -36.37
N CYS A 50 -6.95 18.88 -37.56
CA CYS A 50 -7.30 20.10 -38.34
C CYS A 50 -8.20 20.97 -37.46
N ASN A 51 -7.90 22.27 -37.38
CA ASN A 51 -8.58 23.22 -36.46
C ASN A 51 -9.78 23.87 -37.15
N ALA A 52 -9.91 23.72 -38.47
CA ALA A 52 -11.06 24.21 -39.25
C ALA A 52 -12.33 23.60 -38.65
N PRO A 53 -13.38 24.39 -38.35
CA PRO A 53 -14.58 23.86 -37.72
C PRO A 53 -15.15 22.65 -38.48
N GLY A 54 -15.44 21.56 -37.77
CA GLY A 54 -16.19 20.39 -38.27
C GLY A 54 -15.34 19.46 -39.11
N CYS A 55 -14.10 19.82 -39.40
CA CYS A 55 -13.14 19.00 -40.18
C CYS A 55 -12.71 17.83 -39.32
N ASP A 56 -12.61 16.62 -39.90
CA ASP A 56 -12.40 15.36 -39.13
C ASP A 56 -11.06 14.74 -39.50
N VAL A 57 -10.14 15.49 -40.11
CA VAL A 57 -8.76 15.02 -40.45
C VAL A 57 -7.92 15.03 -39.16
N THR A 58 -7.49 13.84 -38.70
CA THR A 58 -6.68 13.58 -37.48
C THR A 58 -5.32 12.95 -37.87
N ASP A 59 -5.14 12.50 -39.13
CA ASP A 59 -3.90 11.84 -39.64
C ASP A 59 -2.79 12.88 -39.81
N VAL A 60 -1.74 12.76 -39.00
CA VAL A 60 -0.58 13.70 -38.91
C VAL A 60 0.06 13.92 -40.29
N THR A 61 -0.05 12.95 -41.21
CA THR A 61 0.62 12.97 -42.53
C THR A 61 -0.17 13.88 -43.48
N GLN A 62 -1.48 14.01 -43.24
CA GLN A 62 -2.40 14.86 -44.04
C GLN A 62 -2.57 16.25 -43.39
N LEU A 63 -1.69 16.66 -42.47
CA LEU A 63 -1.87 17.91 -41.67
C LEU A 63 -0.67 18.84 -41.88
N TYR A 64 -0.84 20.12 -41.52
CA TYR A 64 0.14 21.22 -41.69
C TYR A 64 0.04 22.17 -40.50
N LEU A 65 1.09 22.97 -40.29
CA LEU A 65 1.14 24.11 -39.32
C LEU A 65 0.84 25.45 -40.02
N GLY A 66 -0.23 26.14 -39.61
CA GLY A 66 -0.62 27.49 -40.06
C GLY A 66 -0.41 28.49 -38.94
N GLY A 67 0.81 29.03 -38.83
CA GLY A 67 1.29 29.81 -37.68
C GLY A 67 1.64 28.91 -36.52
N MET A 68 0.79 28.88 -35.49
CA MET A 68 0.91 27.96 -34.33
C MET A 68 -0.32 27.05 -34.31
N SER A 69 -1.02 26.91 -35.43
CA SER A 69 -2.26 26.09 -35.58
C SER A 69 -2.08 25.01 -36.65
N TYR A 70 -2.92 23.96 -36.59
CA TYR A 70 -2.82 22.74 -37.43
C TYR A 70 -4.06 22.66 -38.31
N TYR A 71 -3.85 22.37 -39.60
CA TYR A 71 -4.89 22.29 -40.65
C TYR A 71 -4.54 21.17 -41.64
N CYS A 72 -5.54 20.58 -42.28
CA CYS A 72 -5.37 19.57 -43.36
C CYS A 72 -4.99 20.27 -44.68
N LYS A 73 -4.79 19.50 -45.76
CA LYS A 73 -4.50 20.03 -47.13
C LYS A 73 -5.64 20.94 -47.60
N SER A 74 -6.88 20.70 -47.13
CA SER A 74 -8.13 21.40 -47.56
C SER A 74 -8.34 22.73 -46.81
N HIS A 75 -7.70 22.98 -45.67
CA HIS A 75 -7.96 24.14 -44.78
C HIS A 75 -6.69 24.96 -44.53
N LYS A 76 -5.51 24.45 -44.89
CA LYS A 76 -4.21 25.09 -44.56
C LYS A 76 -4.12 26.43 -45.28
N PRO A 77 -3.49 27.45 -44.66
CA PRO A 77 -3.24 28.74 -45.30
C PRO A 77 -2.12 28.61 -46.33
N PRO A 78 -1.89 29.61 -47.22
CA PRO A 78 -0.83 29.53 -48.21
C PRO A 78 0.55 29.29 -47.56
N ILE A 79 0.85 29.98 -46.46
CA ILE A 79 2.13 29.82 -45.71
C ILE A 79 1.90 28.76 -44.63
N SER A 80 2.24 27.50 -44.96
CA SER A 80 2.05 26.27 -44.14
C SER A 80 3.11 25.21 -44.47
N PHE A 81 3.79 24.77 -43.41
CA PHE A 81 4.74 23.63 -43.36
C PHE A 81 4.01 22.32 -43.12
N PRO A 82 4.33 21.23 -43.85
CA PRO A 82 3.74 19.92 -43.55
C PRO A 82 4.26 19.39 -42.19
N LEU A 83 3.33 18.85 -41.38
CA LEU A 83 3.64 18.34 -40.02
C LEU A 83 4.65 17.18 -40.15
N CYS A 84 4.48 16.35 -41.18
CA CYS A 84 5.40 15.23 -41.53
C CYS A 84 6.30 15.65 -42.70
N ALA A 85 7.53 16.07 -42.39
CA ALA A 85 8.54 16.57 -43.35
C ALA A 85 9.93 15.98 -43.03
N ASN A 86 10.76 15.78 -44.06
CA ASN A 86 12.18 15.33 -43.96
C ASN A 86 12.35 14.51 -42.68
N GLY A 87 11.69 13.35 -42.65
CA GLY A 87 11.88 12.27 -41.66
C GLY A 87 11.46 12.65 -40.25
N GLN A 88 10.66 13.71 -40.08
CA GLN A 88 10.25 14.22 -38.75
C GLN A 88 8.76 14.59 -38.72
N VAL A 89 8.16 14.50 -37.54
CA VAL A 89 6.84 15.10 -37.16
C VAL A 89 7.16 16.35 -36.34
N PHE A 90 6.62 17.50 -36.74
CA PHE A 90 6.88 18.81 -36.08
C PHE A 90 6.42 18.78 -34.62
N GLY A 91 7.35 19.03 -33.70
CA GLY A 91 7.10 19.17 -32.26
C GLY A 91 8.24 19.92 -31.60
N LEU A 92 8.15 20.14 -30.29
CA LEU A 92 9.18 20.89 -29.52
C LEU A 92 10.47 20.06 -29.46
N TYR A 93 11.61 20.76 -29.29
CA TYR A 93 12.98 20.22 -28.99
C TYR A 93 13.58 19.54 -30.24
N LYS A 94 13.10 19.92 -31.44
CA LYS A 94 13.48 19.31 -32.75
C LYS A 94 14.98 19.55 -33.02
N VAL A 103 13.21 0.75 -34.03
CA VAL A 103 11.89 1.42 -34.20
C VAL A 103 10.96 0.51 -35.02
N THR A 104 11.47 -0.18 -36.04
CA THR A 104 10.81 -1.36 -36.67
C THR A 104 10.22 -2.23 -35.55
N ASP A 105 11.02 -2.52 -34.52
CA ASP A 105 10.64 -3.41 -33.39
C ASP A 105 9.58 -2.69 -32.52
N PHE A 106 9.75 -1.40 -32.23
CA PHE A 106 8.73 -0.60 -31.51
C PHE A 106 7.36 -0.70 -32.21
N ASN A 107 7.37 -0.62 -33.55
CA ASN A 107 6.13 -0.64 -34.38
C ASN A 107 5.41 -1.98 -34.18
N ALA A 108 6.17 -3.06 -34.10
CA ALA A 108 5.65 -4.44 -33.96
C ALA A 108 5.08 -4.61 -32.55
N ILE A 109 5.74 -4.08 -31.53
CA ILE A 109 5.22 -4.08 -30.12
C ILE A 109 3.93 -3.27 -30.08
N ALA A 110 3.97 -2.04 -30.60
CA ALA A 110 2.86 -1.05 -30.56
C ALA A 110 1.58 -1.61 -31.20
N THR A 111 1.71 -2.39 -32.28
CA THR A 111 0.58 -2.78 -33.19
C THR A 111 0.15 -4.25 -33.06
N CYS A 112 0.98 -5.13 -32.48
CA CYS A 112 0.67 -6.57 -32.26
C CYS A 112 -0.45 -6.73 -31.22
N ASP A 113 -1.24 -7.81 -31.32
CA ASP A 113 -2.39 -8.12 -30.43
C ASP A 113 -1.95 -9.11 -29.32
N TRP A 114 -0.73 -9.65 -29.39
CA TRP A 114 -0.09 -10.49 -28.33
C TRP A 114 -0.63 -11.93 -28.32
N THR A 115 -1.09 -12.42 -29.46
CA THR A 115 -1.65 -13.78 -29.63
C THR A 115 -0.58 -14.68 -30.27
N ASN A 116 0.52 -14.09 -30.73
CA ASN A 116 1.61 -14.81 -31.44
C ASN A 116 2.83 -14.88 -30.50
N ALA A 117 3.57 -15.98 -30.53
CA ALA A 117 4.78 -16.18 -29.69
C ALA A 117 5.83 -15.14 -30.08
N GLY A 118 6.02 -14.93 -31.39
CA GLY A 118 6.94 -13.92 -31.96
C GLY A 118 6.80 -12.55 -31.32
N ASP A 119 5.61 -12.22 -30.83
CA ASP A 119 5.34 -10.97 -30.07
C ASP A 119 6.19 -11.00 -28.77
N TYR A 120 6.14 -12.11 -28.03
CA TYR A 120 6.81 -12.23 -26.70
C TYR A 120 8.30 -12.37 -26.94
N ILE A 121 8.68 -13.08 -27.99
CA ILE A 121 10.09 -13.20 -28.45
C ILE A 121 10.64 -11.78 -28.57
N LEU A 122 10.00 -10.96 -29.38
CA LEU A 122 10.42 -9.55 -29.64
C LEU A 122 10.38 -8.73 -28.35
N ALA A 123 9.41 -8.96 -27.45
CA ALA A 123 9.31 -8.23 -26.17
C ALA A 123 10.53 -8.56 -25.27
N ASN A 124 11.39 -9.49 -25.67
CA ASN A 124 12.49 -10.02 -24.81
C ASN A 124 13.81 -10.01 -25.57
N THR A 125 13.81 -9.71 -26.87
CA THR A 125 15.05 -9.53 -27.68
C THR A 125 15.29 -8.04 -27.97
N CYS A 126 14.37 -7.16 -27.61
CA CYS A 126 14.43 -5.71 -27.92
C CYS A 126 15.32 -4.99 -26.89
N THR A 127 15.61 -3.70 -27.10
CA THR A 127 16.24 -2.76 -26.13
C THR A 127 15.50 -2.82 -24.79
N GLU A 128 16.12 -2.28 -23.74
CA GLU A 128 15.61 -2.30 -22.35
C GLU A 128 14.43 -1.35 -22.21
N ARG A 129 14.45 -0.18 -22.86
CA ARG A 129 13.29 0.74 -22.74
C ARG A 129 12.09 0.07 -23.43
N LEU A 130 12.31 -0.58 -24.58
CA LEU A 130 11.23 -1.25 -25.36
C LEU A 130 10.74 -2.54 -24.67
N LYS A 131 11.50 -3.09 -23.73
CA LYS A 131 11.02 -4.21 -22.86
C LYS A 131 9.93 -3.66 -21.90
N LEU A 132 10.10 -2.44 -21.39
CA LEU A 132 9.12 -1.82 -20.45
C LEU A 132 7.85 -1.39 -21.20
N PHE A 133 8.01 -0.87 -22.42
CA PHE A 133 6.88 -0.41 -23.28
C PHE A 133 6.05 -1.65 -23.61
N ALA A 134 6.74 -2.70 -24.06
CA ALA A 134 6.18 -4.04 -24.40
C ALA A 134 5.40 -4.61 -23.21
N ALA A 135 6.00 -4.63 -22.01
CA ALA A 135 5.38 -5.21 -20.79
C ALA A 135 4.14 -4.40 -20.39
N GLU A 136 4.20 -3.08 -20.53
CA GLU A 136 3.04 -2.16 -20.29
C GLU A 136 1.91 -2.55 -21.25
N THR A 137 2.24 -2.53 -22.54
CA THR A 137 1.26 -2.67 -23.65
C THR A 137 0.56 -4.00 -23.43
N LEU A 138 1.35 -5.06 -23.30
CA LEU A 138 0.88 -6.45 -23.09
C LEU A 138 -0.09 -6.44 -21.90
N LYS A 139 0.37 -5.94 -20.74
CA LYS A 139 -0.41 -6.07 -19.49
C LYS A 139 -1.73 -5.32 -19.65
N ALA A 140 -1.69 -4.17 -20.34
CA ALA A 140 -2.90 -3.37 -20.64
C ALA A 140 -3.83 -4.24 -21.48
N THR A 141 -3.29 -4.77 -22.57
CA THR A 141 -4.00 -5.61 -23.57
C THR A 141 -4.65 -6.81 -22.85
N GLU A 142 -3.91 -7.43 -21.92
CA GLU A 142 -4.39 -8.57 -21.09
C GLU A 142 -5.65 -8.16 -20.31
N GLU A 143 -5.71 -6.93 -19.77
CA GLU A 143 -6.80 -6.47 -18.87
C GLU A 143 -8.05 -6.14 -19.72
N THR A 144 -7.91 -5.34 -20.78
CA THR A 144 -9.04 -4.93 -21.67
C THR A 144 -9.64 -6.17 -22.37
N PHE A 145 -8.95 -7.31 -22.34
CA PHE A 145 -9.48 -8.59 -22.86
C PHE A 145 -10.44 -9.24 -21.84
N LYS A 146 -10.19 -9.05 -20.54
CA LYS A 146 -11.04 -9.60 -19.45
C LYS A 146 -12.45 -9.01 -19.57
N LEU A 147 -12.57 -7.78 -20.10
CA LEU A 147 -13.88 -7.12 -20.36
C LEU A 147 -14.68 -7.95 -21.38
N SER A 148 -14.00 -8.56 -22.36
CA SER A 148 -14.60 -9.31 -23.50
C SER A 148 -15.45 -10.50 -23.03
N TYR A 149 -15.20 -11.01 -21.82
CA TYR A 149 -15.90 -12.18 -21.22
C TYR A 149 -17.25 -11.76 -20.61
N GLY A 150 -18.18 -12.73 -20.54
CA GLY A 150 -19.55 -12.54 -20.04
C GLY A 150 -19.61 -12.59 -18.52
N ILE A 151 -20.62 -11.92 -17.95
CA ILE A 151 -20.94 -11.88 -16.48
C ILE A 151 -21.60 -13.22 -16.11
N ALA A 152 -21.35 -13.73 -14.91
CA ALA A 152 -21.97 -14.96 -14.38
C ALA A 152 -22.91 -14.60 -13.22
N THR A 153 -24.22 -14.79 -13.43
CA THR A 153 -25.29 -14.51 -12.44
C THR A 153 -25.74 -15.84 -11.82
N VAL A 154 -25.78 -15.93 -10.49
CA VAL A 154 -26.20 -17.13 -9.70
C VAL A 154 -27.68 -17.39 -9.95
N ARG A 155 -28.00 -18.55 -10.54
CA ARG A 155 -29.40 -19.02 -10.77
C ARG A 155 -29.98 -19.57 -9.45
N GLU A 156 -29.27 -20.48 -8.76
CA GLU A 156 -29.73 -21.06 -7.46
C GLU A 156 -28.53 -21.56 -6.62
N VAL A 157 -28.65 -21.50 -5.29
CA VAL A 157 -27.65 -21.98 -4.28
C VAL A 157 -28.03 -23.39 -3.84
N LEU A 158 -27.15 -24.38 -4.05
CA LEU A 158 -27.38 -25.81 -3.68
C LEU A 158 -26.80 -26.08 -2.28
N SER A 159 -25.50 -25.84 -2.12
CA SER A 159 -24.74 -26.16 -0.88
C SER A 159 -23.76 -25.02 -0.55
N ASP A 160 -22.88 -25.26 0.43
CA ASP A 160 -21.85 -24.30 0.91
C ASP A 160 -20.60 -24.39 0.00
N ARG A 161 -20.61 -25.29 -0.99
CA ARG A 161 -19.48 -25.48 -1.95
C ARG A 161 -19.99 -25.81 -3.37
N GLU A 162 -21.27 -25.58 -3.70
CA GLU A 162 -21.83 -25.84 -5.07
C GLU A 162 -22.97 -24.85 -5.38
N LEU A 163 -23.05 -24.35 -6.62
CA LEU A 163 -24.21 -23.55 -7.13
C LEU A 163 -24.33 -23.67 -8.66
N HIS A 164 -25.43 -23.12 -9.20
CA HIS A 164 -25.82 -23.12 -10.64
C HIS A 164 -25.63 -21.74 -11.25
N LEU A 165 -24.96 -21.62 -12.41
CA LEU A 165 -24.58 -20.31 -13.01
C LEU A 165 -25.34 -20.05 -14.34
N SER A 166 -25.78 -18.80 -14.50
CA SER A 166 -26.43 -18.20 -15.69
C SER A 166 -25.45 -17.21 -16.34
N TRP A 167 -25.07 -17.45 -17.61
CA TRP A 167 -23.97 -16.77 -18.35
C TRP A 167 -24.51 -15.78 -19.40
N GLU A 168 -23.95 -14.56 -19.42
CA GLU A 168 -24.31 -13.47 -20.36
C GLU A 168 -24.10 -13.94 -21.81
N VAL A 169 -25.19 -14.04 -22.58
CA VAL A 169 -25.17 -14.49 -24.00
C VAL A 169 -24.51 -13.40 -24.85
N GLY A 170 -23.87 -13.80 -25.95
CA GLY A 170 -23.14 -12.91 -26.88
C GLY A 170 -21.67 -12.79 -26.50
N LYS A 171 -21.38 -12.71 -25.18
CA LYS A 171 -20.01 -12.58 -24.63
C LYS A 171 -19.52 -13.96 -24.18
N PRO A 172 -18.31 -14.39 -24.61
CA PRO A 172 -17.80 -15.72 -24.28
C PRO A 172 -17.68 -15.96 -22.76
N ARG A 173 -17.67 -17.24 -22.34
CA ARG A 173 -17.55 -17.66 -20.92
C ARG A 173 -16.09 -18.04 -20.65
N PRO A 174 -15.42 -17.41 -19.65
CA PRO A 174 -14.01 -17.69 -19.40
C PRO A 174 -13.74 -19.12 -18.94
N PRO A 175 -12.52 -19.66 -19.15
CA PRO A 175 -12.17 -20.98 -18.63
C PRO A 175 -12.39 -21.00 -17.11
N LEU A 176 -12.97 -22.08 -16.57
CA LEU A 176 -13.43 -22.18 -15.16
C LEU A 176 -12.47 -23.03 -14.32
N ASN A 177 -11.28 -22.50 -14.03
CA ASN A 177 -10.16 -23.21 -13.33
C ASN A 177 -9.72 -22.36 -12.13
N ARG A 178 -8.44 -22.44 -11.72
CA ARG A 178 -7.85 -21.62 -10.64
C ARG A 178 -7.20 -20.35 -11.21
N ASN A 179 -6.72 -20.38 -12.46
CA ASN A 179 -5.97 -19.25 -13.12
C ASN A 179 -6.94 -18.13 -13.52
N TYR A 180 -8.23 -18.25 -13.18
CA TYR A 180 -9.30 -17.26 -13.46
C TYR A 180 -10.08 -16.97 -12.17
N VAL A 181 -9.64 -15.95 -11.43
CA VAL A 181 -10.24 -15.51 -10.14
C VAL A 181 -11.22 -14.35 -10.46
N PHE A 182 -12.50 -14.58 -10.19
CA PHE A 182 -13.58 -13.58 -10.35
C PHE A 182 -13.57 -12.65 -9.14
N THR A 183 -14.21 -11.48 -9.30
CA THR A 183 -14.61 -10.58 -8.19
C THR A 183 -16.15 -10.69 -8.08
N GLY A 184 -16.66 -11.10 -6.92
CA GLY A 184 -18.08 -11.35 -6.66
C GLY A 184 -18.77 -10.14 -6.03
N TYR A 185 -20.07 -9.96 -6.32
CA TYR A 185 -20.92 -8.84 -5.85
C TYR A 185 -22.29 -9.38 -5.40
N GLN A 194 -18.48 -5.84 -2.99
CA GLN A 194 -17.37 -6.79 -3.29
C GLN A 194 -17.38 -7.92 -2.27
N ILE A 195 -18.16 -8.99 -2.51
CA ILE A 195 -18.33 -10.15 -1.58
C ILE A 195 -17.00 -10.93 -1.54
N GLY A 196 -15.89 -10.34 -1.98
CA GLY A 196 -14.56 -10.98 -2.03
C GLY A 196 -14.39 -11.80 -3.29
N GLU A 197 -13.15 -12.13 -3.64
CA GLU A 197 -12.80 -12.88 -4.87
C GLU A 197 -13.39 -14.30 -4.77
N TYR A 198 -13.62 -14.97 -5.90
CA TYR A 198 -14.23 -16.33 -6.00
C TYR A 198 -13.67 -17.08 -7.23
N THR A 199 -13.57 -18.42 -7.15
CA THR A 199 -13.20 -19.32 -8.27
C THR A 199 -14.22 -20.48 -8.36
N PHE A 200 -14.28 -21.14 -9.53
CA PHE A 200 -15.29 -22.18 -9.89
C PHE A 200 -14.63 -23.35 -10.63
N GLU A 201 -15.08 -24.58 -10.34
CA GLU A 201 -14.66 -25.85 -11.00
C GLU A 201 -15.92 -26.68 -11.32
N LYS A 202 -15.99 -27.28 -12.52
CA LYS A 202 -17.12 -28.14 -12.97
C LYS A 202 -16.94 -29.56 -12.41
N ASP A 207 -25.96 -29.98 -14.17
CA ASP A 207 -25.40 -28.62 -14.35
C ASP A 207 -25.08 -28.01 -12.98
N ALA A 208 -24.25 -28.67 -12.18
CA ALA A 208 -23.79 -28.23 -10.85
C ALA A 208 -22.31 -27.80 -10.92
N VAL A 209 -21.96 -26.64 -10.38
CA VAL A 209 -20.57 -26.09 -10.38
C VAL A 209 -20.13 -25.82 -8.94
N VAL A 210 -18.85 -26.11 -8.65
CA VAL A 210 -18.20 -26.02 -7.30
C VAL A 210 -17.63 -24.59 -7.14
N TYR A 211 -18.02 -23.87 -6.08
CA TYR A 211 -17.58 -22.46 -5.83
C TYR A 211 -16.63 -22.41 -4.63
N ARG A 212 -15.50 -21.71 -4.83
CA ARG A 212 -14.41 -21.51 -3.84
C ARG A 212 -14.30 -20.01 -3.55
N GLY A 213 -14.93 -19.55 -2.47
CA GLY A 213 -15.00 -18.12 -2.10
C GLY A 213 -13.93 -17.73 -1.11
N THR A 214 -13.01 -16.83 -1.50
CA THR A 214 -11.88 -16.34 -0.65
C THR A 214 -12.45 -15.87 0.69
N THR A 215 -13.67 -15.30 0.70
CA THR A 215 -14.45 -14.96 1.92
C THR A 215 -15.69 -15.87 1.95
N THR A 216 -15.94 -16.56 3.08
CA THR A 216 -17.10 -17.50 3.21
C THR A 216 -18.38 -16.68 3.41
N TYR A 217 -18.96 -16.21 2.29
CA TYR A 217 -20.24 -15.47 2.21
C TYR A 217 -21.32 -16.43 1.68
N LYS A 218 -22.42 -16.59 2.42
CA LYS A 218 -23.54 -17.50 2.08
C LYS A 218 -24.14 -17.04 0.75
N LEU A 219 -23.60 -17.55 -0.37
CA LEU A 219 -23.88 -17.12 -1.78
C LEU A 219 -25.40 -16.95 -1.97
N ASN A 220 -25.84 -15.77 -2.42
CA ASN A 220 -27.26 -15.38 -2.61
C ASN A 220 -27.60 -15.46 -4.11
N VAL A 221 -28.89 -15.72 -4.44
CA VAL A 221 -29.43 -15.79 -5.83
C VAL A 221 -29.49 -14.36 -6.40
N GLY A 222 -28.98 -14.18 -7.63
CA GLY A 222 -28.89 -12.87 -8.30
C GLY A 222 -27.51 -12.25 -8.16
N ASP A 223 -26.86 -12.40 -7.00
CA ASP A 223 -25.44 -11.98 -6.79
C ASP A 223 -24.64 -12.37 -8.04
N TYR A 224 -23.90 -11.43 -8.63
CA TYR A 224 -23.17 -11.64 -9.91
C TYR A 224 -21.64 -11.68 -9.63
N PHE A 225 -20.90 -12.44 -10.43
CA PHE A 225 -19.42 -12.56 -10.39
C PHE A 225 -18.83 -11.97 -11.69
N VAL A 226 -17.77 -11.18 -11.58
CA VAL A 226 -17.07 -10.51 -12.72
C VAL A 226 -15.55 -10.55 -12.50
N LEU A 227 -14.77 -10.65 -13.58
CA LEU A 227 -13.29 -10.77 -13.55
C LEU A 227 -12.65 -9.41 -13.22
N THR A 228 -11.65 -9.44 -12.34
CA THR A 228 -10.92 -8.25 -11.80
C THR A 228 -9.99 -7.68 -12.88
N SER A 229 -10.40 -6.60 -13.54
CA SER A 229 -9.61 -5.87 -14.56
C SER A 229 -8.88 -4.71 -13.87
N HIS A 230 -7.66 -4.96 -13.38
CA HIS A 230 -6.85 -3.96 -12.60
C HIS A 230 -6.18 -2.99 -13.58
N THR A 231 -5.92 -1.76 -13.13
CA THR A 231 -5.36 -0.65 -13.94
C THR A 231 -3.83 -0.80 -14.02
N VAL A 232 -3.30 -0.86 -15.23
CA VAL A 232 -1.87 -1.14 -15.49
C VAL A 232 -1.06 0.14 -15.32
N MET A 233 -0.47 0.34 -14.13
CA MET A 233 0.47 1.45 -13.86
C MET A 233 1.64 1.38 -14.84
N PRO A 234 2.30 2.52 -15.16
CA PRO A 234 3.45 2.51 -16.07
C PRO A 234 4.75 2.08 -15.37
N LEU A 235 5.69 1.56 -16.16
CA LEU A 235 6.99 1.01 -15.68
C LEU A 235 8.03 2.11 -15.83
N SER A 236 8.90 2.28 -14.82
CA SER A 236 9.98 3.30 -14.73
C SER A 236 11.35 2.64 -14.69
N ALA A 237 11.50 1.63 -13.81
CA ALA A 237 12.76 0.89 -13.57
C ALA A 237 12.96 -0.19 -14.63
N PRO A 238 14.21 -0.47 -15.06
CA PRO A 238 14.48 -1.57 -16.00
C PRO A 238 14.05 -2.94 -15.44
N THR A 239 14.04 -3.96 -16.29
CA THR A 239 13.79 -5.38 -15.89
C THR A 239 14.94 -5.78 -14.96
N LEU A 240 16.15 -5.60 -15.49
CA LEU A 240 17.47 -5.80 -14.85
C LEU A 240 18.17 -4.46 -14.77
N VAL A 241 18.69 -4.08 -13.61
CA VAL A 241 19.61 -2.91 -13.48
C VAL A 241 20.87 -3.24 -14.28
N PRO A 242 21.72 -2.26 -14.65
CA PRO A 242 22.91 -2.58 -15.44
C PRO A 242 23.82 -3.41 -14.53
N GLN A 243 24.58 -4.36 -15.10
CA GLN A 243 25.43 -5.29 -14.31
C GLN A 243 26.66 -4.54 -13.82
N GLU A 244 26.96 -4.64 -12.52
CA GLU A 244 28.24 -4.17 -11.90
C GLU A 244 29.00 -5.38 -11.34
N HIS A 245 30.25 -5.54 -11.78
CA HIS A 245 31.22 -6.47 -11.18
C HIS A 245 32.10 -5.67 -10.22
N TYR A 246 32.48 -6.28 -9.10
CA TYR A 246 33.32 -5.65 -8.06
C TYR A 246 34.62 -6.44 -7.96
N VAL A 247 35.60 -5.85 -7.26
CA VAL A 247 36.96 -6.42 -6.99
C VAL A 247 36.85 -7.34 -5.77
N ARG A 248 36.03 -6.92 -4.79
CA ARG A 248 35.80 -7.59 -3.48
C ARG A 248 34.31 -7.49 -3.12
N ILE A 249 33.86 -8.25 -2.11
CA ILE A 249 32.46 -8.24 -1.58
C ILE A 249 32.13 -6.79 -1.18
N THR A 250 30.96 -6.30 -1.59
CA THR A 250 30.53 -4.88 -1.47
C THR A 250 29.31 -4.80 -0.54
N GLY A 251 29.32 -3.87 0.43
CA GLY A 251 28.20 -3.54 1.33
C GLY A 251 27.68 -4.72 2.17
N LEU A 252 28.33 -5.87 2.10
CA LEU A 252 27.96 -7.07 2.88
C LEU A 252 29.15 -7.45 3.75
N TYR A 253 28.90 -8.15 4.87
CA TYR A 253 29.93 -8.55 5.87
C TYR A 253 29.80 -10.04 6.16
N PRO A 254 30.68 -10.89 5.55
CA PRO A 254 30.59 -12.34 5.72
C PRO A 254 30.85 -12.77 7.17
N THR A 255 30.47 -14.01 7.54
CA THR A 255 31.01 -14.74 8.73
C THR A 255 32.19 -15.60 8.26
N LEU A 256 33.04 -16.00 9.20
CA LEU A 256 34.04 -17.10 9.01
C LEU A 256 33.61 -18.29 9.88
N ASN A 257 32.59 -18.08 10.73
CA ASN A 257 31.80 -19.14 11.41
C ASN A 257 30.49 -19.35 10.65
N ILE A 258 30.50 -20.19 9.60
CA ILE A 258 29.32 -20.50 8.74
C ILE A 258 29.01 -22.01 8.79
N SER A 259 27.83 -22.37 9.29
CA SER A 259 27.30 -23.76 9.44
C SER A 259 27.73 -24.63 8.25
N ASP A 260 28.21 -25.85 8.51
CA ASP A 260 28.67 -26.85 7.49
C ASP A 260 27.54 -27.10 6.48
N GLU A 261 26.29 -27.06 6.94
CA GLU A 261 25.06 -27.19 6.11
C GLU A 261 25.25 -26.38 4.82
N PHE A 262 25.72 -25.13 4.95
CA PHE A 262 25.75 -24.09 3.89
C PHE A 262 27.15 -23.92 3.30
N SER A 263 28.11 -24.77 3.67
CA SER A 263 29.52 -24.73 3.23
C SER A 263 29.65 -24.93 1.71
N SER A 264 28.72 -25.65 1.09
CA SER A 264 28.73 -25.92 -0.37
C SER A 264 28.52 -24.58 -1.12
N ASN A 265 27.75 -23.63 -0.55
CA ASN A 265 27.33 -22.37 -1.21
C ASN A 265 28.19 -21.17 -0.82
N VAL A 266 29.36 -21.37 -0.19
CA VAL A 266 30.22 -20.24 0.25
C VAL A 266 30.82 -19.57 -0.99
N ALA A 267 31.27 -20.34 -2.00
CA ALA A 267 31.90 -19.76 -3.22
C ALA A 267 30.84 -19.01 -4.06
N ASN A 268 29.61 -19.50 -4.08
CA ASN A 268 28.45 -18.84 -4.75
C ASN A 268 28.07 -17.56 -3.98
N TYR A 269 28.03 -17.61 -2.64
CA TYR A 269 27.59 -16.48 -1.78
C TYR A 269 28.57 -15.31 -1.92
N GLN A 270 29.83 -15.60 -2.23
CA GLN A 270 30.90 -14.59 -2.43
C GLN A 270 30.82 -13.99 -3.85
N LYS A 271 30.41 -14.79 -4.84
CA LYS A 271 30.04 -14.28 -6.20
C LYS A 271 28.88 -13.28 -6.08
N VAL A 272 27.87 -13.59 -5.23
CA VAL A 272 26.66 -12.74 -4.99
C VAL A 272 27.07 -11.35 -4.47
N GLY A 273 28.08 -11.29 -3.59
CA GLY A 273 28.59 -10.03 -2.99
C GLY A 273 29.54 -9.28 -3.92
N MET A 274 30.03 -9.93 -4.98
CA MET A 274 31.02 -9.38 -5.94
C MET A 274 30.38 -9.11 -7.31
N GLN A 275 29.05 -8.88 -7.33
CA GLN A 275 28.25 -8.48 -8.52
C GLN A 275 27.04 -7.68 -8.03
N LYS A 276 26.39 -6.94 -8.92
CA LYS A 276 25.15 -6.17 -8.59
C LYS A 276 24.02 -7.19 -8.47
N TYR A 277 23.82 -7.97 -9.54
CA TYR A 277 22.78 -9.01 -9.60
C TYR A 277 23.43 -10.31 -10.05
N SER A 278 22.89 -11.44 -9.59
CA SER A 278 23.36 -12.81 -9.92
C SER A 278 22.15 -13.70 -10.25
N THR A 279 22.39 -14.67 -11.14
CA THR A 279 21.41 -15.69 -11.63
C THR A 279 21.78 -17.09 -11.09
N LEU A 280 20.86 -17.70 -10.35
CA LEU A 280 20.97 -19.11 -9.88
C LEU A 280 19.91 -19.98 -10.56
N GLN A 281 20.33 -20.87 -11.46
CA GLN A 281 19.50 -21.95 -12.01
C GLN A 281 19.56 -23.17 -11.10
N GLY A 282 18.45 -23.50 -10.44
CA GLY A 282 18.35 -24.63 -9.52
C GLY A 282 17.28 -25.62 -9.93
N PRO A 283 17.63 -26.69 -10.71
CA PRO A 283 16.72 -27.78 -11.04
C PRO A 283 16.00 -28.27 -9.80
N PRO A 284 14.90 -29.04 -9.97
CA PRO A 284 14.07 -29.43 -8.83
C PRO A 284 14.93 -30.07 -7.74
N GLY A 285 14.74 -29.61 -6.50
CA GLY A 285 15.30 -30.25 -5.28
C GLY A 285 16.82 -30.14 -5.21
N THR A 286 17.40 -29.05 -5.73
CA THR A 286 18.86 -28.83 -5.77
C THR A 286 19.25 -27.85 -4.66
N GLY A 287 18.31 -27.45 -3.82
CA GLY A 287 18.55 -26.56 -2.67
C GLY A 287 18.56 -25.08 -3.04
N LYS A 288 17.49 -24.60 -3.67
CA LYS A 288 17.26 -23.14 -3.90
C LYS A 288 16.86 -22.52 -2.54
N SER A 289 15.75 -22.95 -1.94
CA SER A 289 15.31 -22.50 -0.60
C SER A 289 16.54 -22.40 0.33
N HIS A 290 17.28 -23.50 0.38
CA HIS A 290 18.48 -23.69 1.22
C HIS A 290 19.50 -22.59 0.91
N PHE A 291 19.79 -22.37 -0.37
CA PHE A 291 20.70 -21.31 -0.86
C PHE A 291 20.21 -19.92 -0.45
N ALA A 292 18.95 -19.60 -0.71
CA ALA A 292 18.37 -18.27 -0.41
C ALA A 292 18.50 -17.96 1.10
N ILE A 293 18.08 -18.87 1.98
CA ILE A 293 18.04 -18.67 3.47
C ILE A 293 19.47 -18.74 4.01
N GLY A 294 20.32 -19.56 3.39
CA GLY A 294 21.75 -19.64 3.70
C GLY A 294 22.48 -18.32 3.43
N LEU A 295 21.96 -17.50 2.53
CA LEU A 295 22.61 -16.22 2.14
C LEU A 295 22.55 -15.28 3.35
N ALA A 296 21.48 -15.38 4.13
CA ALA A 296 21.21 -14.58 5.34
C ALA A 296 22.19 -14.98 6.45
N LEU A 297 22.49 -16.29 6.58
CA LEU A 297 23.41 -16.84 7.60
C LEU A 297 24.85 -16.50 7.21
N TYR A 298 25.16 -16.33 5.92
CA TYR A 298 26.53 -16.02 5.47
C TYR A 298 26.84 -14.53 5.61
N TYR A 299 25.86 -13.68 5.30
CA TYR A 299 25.93 -12.21 5.50
C TYR A 299 24.93 -11.85 6.60
N PRO A 300 25.25 -12.19 7.87
CA PRO A 300 24.25 -12.21 8.94
C PRO A 300 23.70 -10.86 9.41
N SER A 301 24.37 -9.75 9.06
CA SER A 301 24.00 -8.34 9.35
C SER A 301 23.09 -7.80 8.23
N ALA A 302 23.22 -8.35 7.03
CA ALA A 302 22.54 -7.86 5.80
C ALA A 302 21.01 -7.94 5.98
N ARG A 303 20.33 -6.89 5.53
CA ARG A 303 18.85 -6.82 5.41
C ARG A 303 18.50 -7.47 4.08
N ILE A 304 17.67 -8.51 4.11
CA ILE A 304 17.22 -9.21 2.87
C ILE A 304 15.69 -9.10 2.80
N VAL A 305 15.23 -8.69 1.62
CA VAL A 305 13.81 -8.79 1.21
C VAL A 305 13.72 -9.99 0.25
N TYR A 306 12.90 -10.95 0.64
CA TYR A 306 12.61 -12.22 -0.07
C TYR A 306 11.31 -12.02 -0.84
N THR A 307 11.37 -12.03 -2.18
CA THR A 307 10.20 -11.77 -3.05
C THR A 307 10.02 -12.90 -4.07
N ALA A 308 8.76 -13.22 -4.36
CA ALA A 308 8.30 -14.07 -5.49
C ALA A 308 6.92 -13.60 -5.96
N CYS A 309 6.47 -14.02 -7.15
CA CYS A 309 5.18 -13.59 -7.72
C CYS A 309 4.02 -14.16 -6.89
N SER A 310 4.10 -15.42 -6.46
CA SER A 310 2.98 -16.11 -5.75
C SER A 310 3.16 -16.05 -4.22
N HIS A 311 2.05 -16.20 -3.49
CA HIS A 311 2.02 -16.38 -2.01
C HIS A 311 2.65 -17.72 -1.63
N ALA A 312 2.51 -18.76 -2.47
CA ALA A 312 3.09 -20.11 -2.23
C ALA A 312 4.63 -20.01 -2.21
N ALA A 313 5.24 -19.37 -3.21
CA ALA A 313 6.72 -19.26 -3.30
C ALA A 313 7.25 -18.51 -2.07
N VAL A 314 6.57 -17.44 -1.67
CA VAL A 314 6.99 -16.53 -0.55
C VAL A 314 6.84 -17.31 0.77
N ASP A 315 5.75 -18.07 0.93
CA ASP A 315 5.45 -18.95 2.10
C ASP A 315 6.43 -20.13 2.18
N ALA A 316 6.91 -20.62 1.03
CA ALA A 316 7.97 -21.63 0.94
C ALA A 316 9.23 -21.03 1.58
N LEU A 317 9.62 -19.82 1.16
CA LEU A 317 10.84 -19.14 1.67
C LEU A 317 10.69 -18.86 3.18
N CYS A 318 9.45 -18.62 3.63
CA CYS A 318 9.11 -18.39 5.07
C CYS A 318 9.36 -19.68 5.88
N GLU A 319 8.87 -20.83 5.39
CA GLU A 319 9.12 -22.14 6.03
C GLU A 319 10.63 -22.38 6.19
N LYS A 320 11.47 -22.06 5.19
CA LYS A 320 12.94 -22.27 5.28
C LYS A 320 13.54 -21.27 6.27
N ALA A 321 13.10 -20.01 6.28
CA ALA A 321 13.60 -18.99 7.24
C ALA A 321 13.26 -19.43 8.67
N LEU A 322 12.02 -19.85 8.89
CA LEU A 322 11.51 -20.33 10.20
C LEU A 322 12.53 -21.29 10.81
N LYS A 323 12.98 -22.27 10.03
CA LYS A 323 13.92 -23.33 10.46
C LYS A 323 15.25 -22.68 10.90
N TYR A 324 15.83 -21.75 10.12
CA TYR A 324 17.27 -21.37 10.25
C TYR A 324 17.47 -19.92 10.72
N LEU A 325 16.52 -19.00 10.51
CA LEU A 325 16.72 -17.55 10.81
C LEU A 325 15.91 -17.15 12.03
N PRO A 326 16.38 -16.15 12.83
CA PRO A 326 15.69 -15.73 14.04
C PRO A 326 14.29 -15.12 13.79
N ILE A 327 13.24 -15.79 14.26
CA ILE A 327 11.80 -15.51 13.98
C ILE A 327 11.45 -14.04 14.28
N ASP A 328 12.14 -13.40 15.24
CA ASP A 328 11.84 -12.01 15.67
C ASP A 328 12.22 -11.03 14.55
N LYS A 329 13.29 -11.31 13.81
CA LYS A 329 13.82 -10.42 12.74
C LYS A 329 13.18 -10.77 11.39
N CYS A 330 12.07 -11.50 11.38
CA CYS A 330 11.30 -11.89 10.17
C CYS A 330 9.89 -11.29 10.20
N SER A 331 9.45 -10.74 9.07
CA SER A 331 8.07 -10.25 8.86
C SER A 331 7.56 -10.66 7.47
N ARG A 332 6.35 -11.23 7.44
CA ARG A 332 5.56 -11.62 6.24
C ARG A 332 4.62 -10.47 5.86
N ILE A 333 4.85 -9.78 4.73
CA ILE A 333 4.08 -8.57 4.30
C ILE A 333 2.83 -9.02 3.53
N ILE A 334 1.66 -8.83 4.12
CA ILE A 334 0.33 -9.26 3.58
C ILE A 334 -0.49 -8.01 3.24
N PRO A 335 -0.94 -7.83 1.97
CA PRO A 335 -1.77 -6.68 1.62
C PRO A 335 -3.17 -6.82 2.21
N ALA A 336 -3.77 -5.68 2.62
CA ALA A 336 -5.04 -5.55 3.39
C ALA A 336 -6.20 -6.27 2.67
N ARG A 337 -6.10 -6.49 1.35
CA ARG A 337 -7.04 -7.31 0.54
C ARG A 337 -6.59 -8.79 0.64
N ALA A 338 -7.09 -9.51 1.64
CA ALA A 338 -6.72 -10.92 1.97
C ALA A 338 -7.34 -11.87 0.93
N ARG A 339 -6.51 -12.37 -0.01
CA ARG A 339 -6.95 -13.15 -1.21
C ARG A 339 -6.84 -14.66 -0.93
N VAL A 340 -5.71 -15.11 -0.37
CA VAL A 340 -5.45 -16.53 0.00
C VAL A 340 -4.82 -16.55 1.40
N GLU A 341 -5.19 -17.53 2.23
CA GLU A 341 -4.46 -17.86 3.50
C GLU A 341 -2.97 -17.92 3.15
N CYS A 342 -2.10 -17.31 3.97
CA CYS A 342 -0.62 -17.45 3.83
C CYS A 342 0.08 -17.37 5.21
N PHE A 343 1.40 -17.23 5.22
CA PHE A 343 2.28 -17.56 6.37
C PHE A 343 1.84 -16.79 7.62
N ASP A 344 1.69 -17.47 8.76
CA ASP A 344 1.19 -16.91 10.05
C ASP A 344 2.32 -16.72 11.08
N LYS A 345 3.42 -17.48 11.02
CA LYS A 345 4.41 -17.61 12.14
C LYS A 345 5.32 -16.39 12.27
N PHE A 346 5.36 -15.46 11.31
CA PHE A 346 6.12 -14.19 11.49
C PHE A 346 5.18 -13.09 12.03
N LYS A 347 5.76 -11.96 12.46
CA LYS A 347 5.04 -10.66 12.65
C LYS A 347 4.62 -10.20 11.24
N VAL A 348 3.37 -9.73 11.11
CA VAL A 348 2.73 -9.34 9.80
C VAL A 348 2.87 -7.81 9.62
N ASN A 349 3.41 -7.41 8.46
CA ASN A 349 3.37 -6.02 7.92
C ASN A 349 4.32 -5.11 8.69
N SER A 350 5.36 -5.67 9.31
CA SER A 350 6.52 -4.90 9.84
C SER A 350 7.55 -4.80 8.72
N THR A 351 7.47 -3.75 7.92
CA THR A 351 8.36 -3.47 6.77
C THR A 351 9.81 -3.33 7.23
N LEU A 352 10.06 -3.02 8.49
CA LEU A 352 11.41 -2.56 8.93
C LEU A 352 12.26 -3.73 9.43
N GLU A 353 11.68 -4.94 9.55
CA GLU A 353 12.41 -6.15 10.04
C GLU A 353 13.53 -6.52 9.06
N GLN A 354 14.64 -7.06 9.58
CA GLN A 354 15.86 -7.40 8.80
C GLN A 354 15.48 -8.35 7.65
N TYR A 355 14.55 -9.27 7.93
CA TYR A 355 14.01 -10.26 6.96
C TYR A 355 12.54 -9.93 6.70
N VAL A 356 12.24 -9.58 5.45
CA VAL A 356 10.89 -9.23 4.94
C VAL A 356 10.58 -10.17 3.76
N PHE A 357 9.43 -10.83 3.86
CA PHE A 357 8.96 -11.88 2.92
C PHE A 357 7.63 -11.40 2.34
N CYS A 358 7.63 -11.11 1.03
CA CYS A 358 6.52 -10.39 0.36
C CYS A 358 6.43 -10.71 -1.14
N THR A 359 5.20 -10.99 -1.60
CA THR A 359 4.80 -11.13 -3.03
C THR A 359 5.19 -9.85 -3.79
N VAL A 360 5.56 -9.92 -5.06
CA VAL A 360 6.00 -8.74 -5.86
C VAL A 360 4.90 -7.65 -5.83
N ASN A 361 3.62 -8.04 -5.88
CA ASN A 361 2.50 -7.05 -6.04
C ASN A 361 2.29 -6.26 -4.75
N ALA A 362 2.74 -6.77 -3.60
CA ALA A 362 2.51 -6.17 -2.26
C ALA A 362 3.77 -5.47 -1.72
N LEU A 363 4.89 -5.52 -2.46
CA LEU A 363 6.18 -4.94 -2.01
C LEU A 363 5.96 -3.49 -1.60
N PRO A 364 6.52 -3.06 -0.45
CA PRO A 364 6.58 -1.65 -0.11
C PRO A 364 7.73 -0.96 -0.85
N GLU A 365 7.78 0.36 -0.74
CA GLU A 365 8.92 1.15 -1.25
C GLU A 365 9.95 1.20 -0.12
N THR A 366 11.07 0.48 -0.30
CA THR A 366 12.15 0.33 0.72
C THR A 366 13.48 0.03 0.01
N THR A 367 14.52 -0.21 0.80
CA THR A 367 15.88 -0.55 0.34
C THR A 367 16.32 -1.83 1.05
N ALA A 368 17.37 -2.48 0.53
CA ALA A 368 17.87 -3.76 1.05
C ALA A 368 19.33 -3.95 0.66
N ASP A 369 20.08 -4.64 1.52
CA ASP A 369 21.49 -5.04 1.25
C ASP A 369 21.41 -6.07 0.13
N ILE A 370 20.52 -7.04 0.29
CA ILE A 370 20.21 -8.08 -0.74
C ILE A 370 18.69 -8.22 -0.90
N VAL A 371 18.25 -8.21 -2.16
CA VAL A 371 16.91 -8.71 -2.59
C VAL A 371 17.11 -10.09 -3.23
N VAL A 372 16.32 -11.06 -2.76
CA VAL A 372 16.24 -12.43 -3.33
C VAL A 372 14.88 -12.55 -4.01
N PHE A 373 14.91 -12.67 -5.35
CA PHE A 373 13.74 -12.95 -6.23
C PHE A 373 13.82 -14.43 -6.64
N ASP A 374 12.83 -15.20 -6.16
CA ASP A 374 12.73 -16.67 -6.31
C ASP A 374 11.62 -16.97 -7.33
N GLU A 375 11.56 -18.21 -7.83
CA GLU A 375 10.58 -18.73 -8.82
C GLU A 375 10.61 -17.82 -10.05
N ILE A 376 11.83 -17.57 -10.56
CA ILE A 376 12.08 -16.52 -11.59
C ILE A 376 11.46 -16.93 -12.92
N SER A 377 11.27 -18.21 -13.21
CA SER A 377 10.59 -18.63 -14.46
C SER A 377 9.13 -18.15 -14.45
N MET A 378 8.48 -17.99 -13.29
CA MET A 378 7.07 -17.53 -13.19
C MET A 378 6.96 -16.01 -13.30
N ALA A 379 8.05 -15.27 -13.34
CA ALA A 379 8.02 -13.80 -13.34
C ALA A 379 7.94 -13.30 -14.79
N THR A 380 7.14 -12.25 -14.98
CA THR A 380 7.01 -11.46 -16.24
C THR A 380 8.02 -10.31 -16.20
N ASN A 381 8.35 -9.70 -17.33
CA ASN A 381 9.18 -8.47 -17.38
C ASN A 381 8.51 -7.34 -16.57
N TYR A 382 7.18 -7.26 -16.60
CA TYR A 382 6.39 -6.37 -15.71
C TYR A 382 6.79 -6.58 -14.24
N ASP A 383 6.83 -7.82 -13.74
CA ASP A 383 7.30 -8.17 -12.38
C ASP A 383 8.78 -7.78 -12.19
N LEU A 384 9.65 -8.04 -13.16
CA LEU A 384 11.10 -7.70 -13.05
C LEU A 384 11.27 -6.19 -12.87
N SER A 385 10.44 -5.39 -13.56
CA SER A 385 10.50 -3.90 -13.50
C SER A 385 9.98 -3.42 -12.14
N VAL A 386 8.80 -3.88 -11.72
CA VAL A 386 8.15 -3.46 -10.44
C VAL A 386 9.18 -3.64 -9.32
N VAL A 387 9.82 -4.79 -9.30
CA VAL A 387 10.76 -5.17 -8.19
C VAL A 387 11.80 -4.05 -8.10
N ASN A 388 12.43 -3.68 -9.23
CA ASN A 388 13.54 -2.67 -9.28
C ASN A 388 13.04 -1.26 -8.91
N ALA A 389 11.73 -0.99 -9.06
CA ALA A 389 11.08 0.32 -8.81
C ALA A 389 10.56 0.45 -7.39
N ARG A 390 10.45 -0.65 -6.63
CA ARG A 390 10.01 -0.62 -5.20
C ARG A 390 11.22 -0.87 -4.27
N LEU A 391 12.23 -1.64 -4.71
CA LEU A 391 13.40 -2.05 -3.89
C LEU A 391 14.70 -1.52 -4.50
N ARG A 392 15.38 -0.61 -3.79
CA ARG A 392 16.77 -0.18 -4.09
C ARG A 392 17.72 -0.98 -3.20
N ALA A 393 18.63 -1.75 -3.81
CA ALA A 393 19.42 -2.80 -3.14
C ALA A 393 20.87 -2.86 -3.64
N LYS A 394 21.78 -3.22 -2.74
CA LYS A 394 23.23 -3.36 -3.03
C LYS A 394 23.43 -4.55 -3.97
N HIS A 395 22.65 -5.62 -3.74
CA HIS A 395 22.70 -6.90 -4.50
C HIS A 395 21.30 -7.49 -4.74
N TYR A 396 21.06 -7.95 -5.97
CA TYR A 396 19.82 -8.64 -6.46
C TYR A 396 20.18 -10.08 -6.87
N VAL A 397 19.49 -11.06 -6.30
CA VAL A 397 19.74 -12.49 -6.63
C VAL A 397 18.47 -13.05 -7.23
N TYR A 398 18.60 -13.59 -8.44
CA TYR A 398 17.51 -14.21 -9.22
C TYR A 398 17.64 -15.74 -9.16
N ILE A 399 16.72 -16.35 -8.42
CA ILE A 399 16.68 -17.82 -8.23
C ILE A 399 15.46 -18.39 -8.96
N GLY A 400 15.71 -19.36 -9.85
CA GLY A 400 14.69 -20.23 -10.45
C GLY A 400 15.30 -21.23 -11.41
N ASP A 401 14.62 -21.51 -12.51
CA ASP A 401 14.95 -22.60 -13.44
C ASP A 401 14.15 -22.37 -14.72
N PRO A 402 14.81 -22.02 -15.84
CA PRO A 402 14.10 -21.84 -17.10
C PRO A 402 13.50 -23.15 -17.63
N ALA A 403 13.88 -24.29 -17.04
CA ALA A 403 13.34 -25.62 -17.47
C ALA A 403 12.05 -25.90 -16.70
N GLN A 404 11.61 -24.97 -15.85
CA GLN A 404 10.30 -25.08 -15.20
C GLN A 404 9.30 -24.13 -15.88
N LEU A 405 8.10 -24.03 -15.30
CA LEU A 405 6.93 -23.45 -15.99
C LEU A 405 6.95 -21.93 -15.92
N PRO A 406 6.59 -21.25 -17.03
CA PRO A 406 6.49 -19.80 -17.06
C PRO A 406 5.10 -19.32 -16.60
N ALA A 407 4.97 -18.01 -16.38
CA ALA A 407 3.68 -17.34 -16.14
C ALA A 407 2.74 -17.67 -17.29
N PRO A 408 1.47 -18.01 -17.04
CA PRO A 408 0.52 -18.25 -18.13
C PRO A 408 0.39 -16.96 -18.94
N ARG A 409 0.48 -17.04 -20.27
CA ARG A 409 0.20 -15.90 -21.19
C ARG A 409 -1.21 -16.08 -21.77
N THR A 410 -2.20 -15.47 -21.12
CA THR A 410 -3.64 -15.71 -21.38
C THR A 410 -3.99 -15.30 -22.81
N LEU A 411 -3.25 -14.36 -23.42
CA LEU A 411 -3.53 -13.87 -24.80
C LEU A 411 -2.87 -14.78 -25.83
N LEU A 412 -1.75 -15.43 -25.49
CA LEU A 412 -0.94 -16.20 -26.47
C LEU A 412 -1.67 -17.51 -26.78
N THR A 413 -2.00 -17.72 -28.05
CA THR A 413 -2.73 -18.90 -28.59
C THR A 413 -1.97 -19.53 -29.76
N LYS A 414 -1.09 -18.76 -30.43
CA LYS A 414 -0.33 -19.24 -31.63
C LYS A 414 1.16 -19.29 -31.30
N GLY A 415 1.78 -20.47 -31.41
CA GLY A 415 3.21 -20.65 -31.09
C GLY A 415 3.41 -20.96 -29.62
N THR A 416 4.56 -21.53 -29.29
CA THR A 416 4.92 -21.90 -27.90
C THR A 416 6.04 -20.96 -27.48
N LEU A 417 5.94 -20.44 -26.26
CA LEU A 417 6.97 -19.56 -25.66
C LEU A 417 8.12 -20.38 -25.11
N GLU A 418 9.30 -20.27 -25.71
CA GLU A 418 10.52 -20.98 -25.26
C GLU A 418 11.04 -20.33 -23.98
N PRO A 419 11.78 -21.08 -23.12
CA PRO A 419 12.34 -20.54 -21.87
C PRO A 419 13.20 -19.29 -21.98
N GLU A 420 13.95 -19.14 -23.08
CA GLU A 420 14.81 -17.96 -23.33
C GLU A 420 13.97 -16.68 -23.54
N TYR A 421 12.65 -16.78 -23.55
CA TYR A 421 11.76 -15.61 -23.80
C TYR A 421 10.78 -15.38 -22.64
N PHE A 422 10.90 -16.13 -21.56
CA PHE A 422 10.02 -16.08 -20.36
C PHE A 422 10.16 -14.68 -19.74
N ASN A 423 11.39 -14.24 -19.53
CA ASN A 423 11.72 -12.90 -18.97
C ASN A 423 13.20 -12.64 -19.27
N SER A 424 13.73 -11.51 -18.80
CA SER A 424 15.13 -11.07 -19.10
C SER A 424 16.17 -11.95 -18.39
N VAL A 425 15.80 -12.48 -17.21
CA VAL A 425 16.65 -13.36 -16.36
C VAL A 425 16.77 -14.72 -17.07
N CYS A 426 15.63 -15.30 -17.44
CA CYS A 426 15.57 -16.61 -18.14
C CYS A 426 16.30 -16.45 -19.46
N ARG A 427 16.12 -15.34 -20.16
CA ARG A 427 16.86 -15.08 -21.41
C ARG A 427 18.36 -15.16 -21.10
N LEU A 428 18.82 -14.47 -20.06
CA LEU A 428 20.25 -14.50 -19.67
C LEU A 428 20.66 -15.96 -19.42
N MET A 429 19.90 -16.67 -18.57
CA MET A 429 20.25 -18.06 -18.16
C MET A 429 20.35 -18.98 -19.38
N LYS A 430 19.61 -18.71 -20.46
CA LYS A 430 19.51 -19.66 -21.60
C LYS A 430 20.52 -19.28 -22.69
N THR A 431 21.16 -18.12 -22.57
CA THR A 431 22.05 -17.58 -23.63
C THR A 431 23.49 -17.55 -23.11
N ILE A 432 23.77 -16.80 -22.02
CA ILE A 432 25.14 -16.68 -21.43
C ILE A 432 25.31 -17.65 -20.26
N GLY A 433 24.31 -18.50 -20.00
CA GLY A 433 24.32 -19.41 -18.85
C GLY A 433 23.99 -18.67 -17.57
N PRO A 434 23.57 -19.38 -16.50
CA PRO A 434 23.32 -18.74 -15.20
C PRO A 434 24.69 -18.48 -14.54
N ASP A 435 24.74 -17.60 -13.54
CA ASP A 435 25.98 -17.33 -12.74
C ASP A 435 26.32 -18.60 -11.96
N MET A 436 25.31 -19.11 -11.25
CA MET A 436 25.45 -20.26 -10.32
C MET A 436 24.44 -21.32 -10.76
N PHE A 437 24.80 -22.60 -10.67
CA PHE A 437 23.96 -23.76 -11.02
C PHE A 437 24.06 -24.82 -9.92
N LEU A 438 22.98 -25.03 -9.16
CA LEU A 438 22.87 -26.21 -8.26
C LEU A 438 22.72 -27.45 -9.16
N GLY A 439 23.60 -28.44 -9.02
CA GLY A 439 23.81 -29.50 -10.04
C GLY A 439 23.49 -30.89 -9.52
N THR A 440 23.08 -31.03 -8.24
CA THR A 440 22.77 -32.33 -7.60
C THR A 440 21.35 -32.27 -7.04
N CYS A 441 20.46 -33.10 -7.58
CA CYS A 441 19.05 -33.20 -7.15
C CYS A 441 18.95 -34.17 -5.96
N ARG A 442 18.51 -33.72 -4.80
CA ARG A 442 18.47 -34.56 -3.58
C ARG A 442 17.05 -35.08 -3.37
N ARG A 443 16.13 -34.78 -4.29
CA ARG A 443 14.70 -35.17 -4.09
C ARG A 443 14.42 -36.50 -4.79
N CYS A 444 14.87 -36.68 -6.03
CA CYS A 444 14.15 -37.60 -6.95
C CYS A 444 14.89 -38.91 -7.15
N PRO A 445 14.15 -40.03 -7.17
CA PRO A 445 14.75 -41.30 -7.54
C PRO A 445 15.57 -41.07 -8.82
N ALA A 446 16.77 -41.63 -8.90
CA ALA A 446 17.67 -41.48 -10.06
C ALA A 446 16.93 -41.61 -11.40
N GLU A 447 15.97 -42.54 -11.50
CA GLU A 447 15.14 -42.77 -12.72
C GLU A 447 14.60 -41.42 -13.19
N ILE A 448 14.12 -40.61 -12.26
CA ILE A 448 13.57 -39.28 -12.59
C ILE A 448 14.71 -38.30 -12.87
N VAL A 449 15.77 -38.31 -12.07
CA VAL A 449 16.87 -37.36 -12.28
C VAL A 449 17.51 -37.63 -13.65
N ASP A 450 17.74 -38.90 -13.99
CA ASP A 450 18.42 -39.28 -15.26
C ASP A 450 17.56 -38.76 -16.44
N THR A 451 16.24 -38.96 -16.40
CA THR A 451 15.31 -38.57 -17.49
C THR A 451 15.38 -37.06 -17.74
N VAL A 452 15.13 -36.25 -16.69
CA VAL A 452 15.05 -34.78 -16.86
C VAL A 452 16.44 -34.21 -17.14
N SER A 453 17.51 -34.79 -16.58
CA SER A 453 18.91 -34.35 -16.83
C SER A 453 19.16 -34.35 -18.33
N ALA A 454 18.77 -35.43 -19.00
CA ALA A 454 18.91 -35.58 -20.46
C ALA A 454 17.91 -34.68 -21.19
N LEU A 455 16.70 -34.49 -20.64
CA LEU A 455 15.56 -33.82 -21.34
C LEU A 455 15.78 -32.30 -21.41
N VAL A 456 16.16 -31.66 -20.30
CA VAL A 456 16.14 -30.17 -20.20
C VAL A 456 17.46 -29.61 -19.66
N TYR A 457 18.38 -30.44 -19.16
CA TYR A 457 19.59 -29.96 -18.45
C TYR A 457 20.87 -30.45 -19.15
N ASP A 458 20.83 -30.77 -20.44
CA ASP A 458 22.02 -31.21 -21.20
C ASP A 458 22.89 -32.07 -20.27
N ASN A 459 22.27 -33.04 -19.61
CA ASN A 459 23.00 -34.11 -18.86
C ASN A 459 23.88 -33.53 -17.75
N LYS A 460 23.58 -32.34 -17.22
CA LYS A 460 24.37 -31.72 -16.12
C LYS A 460 23.69 -31.90 -14.76
N LEU A 461 22.47 -32.44 -14.69
CA LEU A 461 21.82 -32.65 -13.37
C LEU A 461 22.14 -34.06 -12.86
N LYS A 462 22.69 -34.14 -11.65
CA LYS A 462 23.13 -35.42 -11.04
C LYS A 462 22.13 -35.87 -9.97
N ALA A 463 21.92 -37.18 -9.89
CA ALA A 463 21.13 -37.86 -8.84
C ALA A 463 22.01 -38.04 -7.60
N HIS A 464 21.52 -37.59 -6.44
CA HIS A 464 22.07 -37.92 -5.11
C HIS A 464 21.50 -39.26 -4.67
N LYS A 465 20.17 -39.42 -4.81
CA LYS A 465 19.44 -40.65 -4.46
C LYS A 465 19.81 -41.73 -5.49
N ASP A 466 19.65 -42.98 -5.03
CA ASP A 466 19.70 -44.23 -5.82
C ASP A 466 18.41 -44.28 -6.65
N LYS A 467 18.37 -45.08 -7.71
CA LYS A 467 17.09 -45.54 -8.31
C LYS A 467 16.19 -46.10 -7.18
N SER A 468 14.90 -45.80 -7.19
CA SER A 468 13.93 -46.25 -6.17
C SER A 468 13.39 -47.64 -6.53
N ALA A 469 13.42 -47.98 -7.83
CA ALA A 469 12.72 -49.13 -8.46
C ALA A 469 11.19 -49.02 -8.22
N GLN A 470 10.69 -47.79 -8.10
CA GLN A 470 9.28 -47.45 -7.83
C GLN A 470 8.79 -46.40 -8.85
N CYS A 471 9.41 -46.40 -10.03
CA CYS A 471 9.14 -45.47 -11.16
C CYS A 471 8.69 -46.30 -12.35
N PHE A 472 7.39 -46.27 -12.63
CA PHE A 472 6.75 -47.07 -13.71
C PHE A 472 6.22 -46.11 -14.76
N LYS A 473 6.17 -46.57 -15.99
CA LYS A 473 5.56 -45.84 -17.11
C LYS A 473 4.60 -46.83 -17.74
N MET A 474 3.60 -46.34 -18.47
CA MET A 474 2.71 -47.23 -19.25
C MET A 474 2.20 -46.42 -20.41
N PHE A 475 2.29 -46.96 -21.61
CA PHE A 475 1.85 -46.26 -22.84
C PHE A 475 0.39 -46.66 -23.08
N TYR A 476 -0.53 -45.73 -22.90
CA TYR A 476 -1.98 -46.01 -22.88
C TYR A 476 -2.77 -44.76 -23.28
N LYS A 477 -3.06 -44.62 -24.58
CA LYS A 477 -3.68 -43.42 -25.19
C LYS A 477 -5.12 -43.31 -24.70
N GLY A 478 -5.78 -44.43 -24.43
CA GLY A 478 -7.10 -44.38 -23.78
C GLY A 478 -8.05 -43.59 -24.66
N VAL A 479 -8.97 -42.82 -24.07
CA VAL A 479 -10.03 -42.11 -24.83
C VAL A 479 -10.12 -40.70 -24.26
N ILE A 480 -10.03 -39.70 -25.15
CA ILE A 480 -9.96 -38.28 -24.74
C ILE A 480 -11.33 -37.66 -24.97
N THR A 481 -12.02 -37.32 -23.87
CA THR A 481 -13.27 -36.51 -23.86
C THR A 481 -12.83 -35.12 -23.42
N HIS A 482 -13.66 -34.12 -23.63
CA HIS A 482 -13.37 -32.73 -23.19
C HIS A 482 -14.55 -32.16 -22.43
N ASP A 483 -14.25 -31.38 -21.39
CA ASP A 483 -15.18 -30.41 -20.77
C ASP A 483 -14.75 -29.04 -21.28
N VAL A 484 -15.45 -28.54 -22.31
CA VAL A 484 -15.08 -27.36 -23.12
C VAL A 484 -13.78 -27.70 -23.87
N SER A 485 -12.62 -27.17 -23.45
CA SER A 485 -11.29 -27.44 -24.05
C SER A 485 -10.38 -28.21 -23.08
N SER A 486 -10.72 -28.23 -21.79
CA SER A 486 -9.98 -29.02 -20.76
C SER A 486 -10.25 -30.51 -20.99
N ALA A 487 -9.18 -31.31 -21.08
CA ALA A 487 -9.24 -32.72 -21.52
C ALA A 487 -9.51 -33.68 -20.34
N ILE A 488 -10.12 -34.81 -20.64
CA ILE A 488 -10.38 -35.93 -19.68
C ILE A 488 -10.04 -37.24 -20.40
N ASN A 489 -9.45 -38.19 -19.68
CA ASN A 489 -9.12 -39.54 -20.19
C ASN A 489 -9.56 -40.55 -19.13
N ARG A 490 -10.82 -41.02 -19.18
CA ARG A 490 -11.36 -41.91 -18.13
C ARG A 490 -10.58 -43.22 -18.18
N PRO A 491 -10.33 -43.82 -19.36
CA PRO A 491 -9.55 -45.06 -19.40
C PRO A 491 -8.19 -44.90 -18.69
N GLN A 492 -7.48 -43.78 -18.86
CA GLN A 492 -6.20 -43.55 -18.13
C GLN A 492 -6.46 -43.61 -16.62
N ILE A 493 -7.57 -43.09 -16.13
CA ILE A 493 -7.86 -43.15 -14.68
C ILE A 493 -8.31 -44.57 -14.28
N GLY A 494 -8.89 -45.33 -15.21
CA GLY A 494 -9.25 -46.75 -15.04
C GLY A 494 -8.01 -47.58 -14.84
N VAL A 495 -7.00 -47.37 -15.69
CA VAL A 495 -5.64 -47.98 -15.56
C VAL A 495 -5.03 -47.65 -14.19
N VAL A 496 -5.12 -46.42 -13.71
CA VAL A 496 -4.64 -46.01 -12.36
C VAL A 496 -5.42 -46.80 -11.30
N ARG A 497 -6.75 -46.81 -11.38
CA ARG A 497 -7.58 -47.53 -10.40
C ARG A 497 -7.08 -48.98 -10.31
N GLU A 498 -6.84 -49.65 -11.44
CA GLU A 498 -6.43 -51.08 -11.49
C GLU A 498 -5.09 -51.23 -10.74
N PHE A 499 -4.11 -50.45 -11.14
CA PHE A 499 -2.77 -50.34 -10.47
C PHE A 499 -2.91 -50.20 -8.93
N LEU A 500 -3.78 -49.33 -8.44
CA LEU A 500 -3.87 -49.05 -6.99
C LEU A 500 -4.28 -50.32 -6.23
N THR A 501 -5.20 -51.11 -6.77
CA THR A 501 -5.69 -52.35 -6.11
C THR A 501 -4.49 -53.28 -5.87
N ARG A 502 -3.45 -53.22 -6.72
CA ARG A 502 -2.27 -54.13 -6.69
C ARG A 502 -1.06 -53.44 -6.05
N ASN A 503 -1.14 -52.15 -5.74
CA ASN A 503 0.04 -51.36 -5.31
C ASN A 503 -0.33 -50.51 -4.10
N PRO A 504 -0.83 -51.11 -2.98
CA PRO A 504 -1.46 -50.35 -1.90
C PRO A 504 -0.57 -49.28 -1.28
N ALA A 505 0.76 -49.40 -1.45
CA ALA A 505 1.76 -48.40 -1.02
C ALA A 505 1.45 -47.03 -1.66
N TRP A 506 0.73 -47.04 -2.79
CA TRP A 506 0.46 -45.83 -3.62
C TRP A 506 -0.85 -45.15 -3.20
N ARG A 507 -1.51 -45.65 -2.14
CA ARG A 507 -2.78 -45.09 -1.59
C ARG A 507 -2.61 -43.61 -1.25
N LYS A 508 -1.41 -43.25 -0.81
CA LYS A 508 -1.01 -41.91 -0.34
C LYS A 508 -0.71 -41.00 -1.56
N ALA A 509 -0.68 -41.53 -2.78
CA ALA A 509 -0.09 -40.84 -3.96
C ALA A 509 -0.90 -39.57 -4.29
N VAL A 510 -0.19 -38.56 -4.77
CA VAL A 510 -0.78 -37.33 -5.37
C VAL A 510 -1.01 -37.64 -6.85
N PHE A 511 -2.25 -37.51 -7.31
CA PHE A 511 -2.67 -37.58 -8.73
C PHE A 511 -2.36 -36.23 -9.42
N ILE A 512 -1.56 -36.24 -10.49
CA ILE A 512 -1.14 -35.02 -11.25
C ILE A 512 -1.47 -35.26 -12.71
N SER A 513 -1.90 -34.23 -13.42
CA SER A 513 -2.22 -34.25 -14.87
C SER A 513 -2.21 -32.81 -15.35
N PRO A 514 -2.05 -32.57 -16.67
CA PRO A 514 -1.98 -31.20 -17.17
C PRO A 514 -3.34 -30.48 -17.25
N TYR A 515 -4.43 -31.13 -16.80
CA TYR A 515 -5.86 -30.70 -16.98
C TYR A 515 -6.68 -30.84 -15.69
N ASN A 516 -7.29 -29.73 -15.27
CA ASN A 516 -8.20 -29.61 -14.10
C ASN A 516 -9.34 -30.64 -14.24
N SER A 517 -9.94 -30.73 -15.41
CA SER A 517 -11.12 -31.58 -15.63
C SER A 517 -10.73 -33.05 -15.44
N GLN A 518 -9.52 -33.42 -15.85
CA GLN A 518 -9.02 -34.81 -15.65
C GLN A 518 -8.86 -35.03 -14.15
N ASN A 519 -8.27 -34.04 -13.45
CA ASN A 519 -8.02 -34.07 -11.99
C ASN A 519 -9.37 -34.20 -11.27
N ALA A 520 -10.40 -33.49 -11.75
CA ALA A 520 -11.75 -33.45 -11.15
C ALA A 520 -12.34 -34.86 -11.21
N VAL A 521 -12.25 -35.51 -12.37
CA VAL A 521 -12.70 -36.91 -12.58
C VAL A 521 -11.89 -37.87 -11.69
N ALA A 522 -10.57 -37.76 -11.72
CA ALA A 522 -9.63 -38.59 -10.93
C ALA A 522 -9.90 -38.40 -9.43
N SER A 523 -10.24 -37.20 -8.99
CA SER A 523 -10.63 -36.97 -7.58
C SER A 523 -11.84 -37.85 -7.20
N LYS A 524 -12.91 -37.85 -7.99
CA LYS A 524 -14.13 -38.65 -7.68
C LYS A 524 -13.85 -40.16 -7.76
N ILE A 525 -13.14 -40.64 -8.78
CA ILE A 525 -13.01 -42.11 -9.02
C ILE A 525 -11.94 -42.69 -8.07
N LEU A 526 -10.84 -41.97 -7.78
CA LEU A 526 -9.67 -42.50 -7.01
C LEU A 526 -9.70 -42.02 -5.55
N GLY A 527 -10.27 -40.85 -5.27
CA GLY A 527 -10.22 -40.23 -3.94
C GLY A 527 -8.82 -39.74 -3.56
N LEU A 528 -7.85 -39.76 -4.49
CA LEU A 528 -6.47 -39.24 -4.28
C LEU A 528 -6.52 -37.73 -4.28
N PRO A 529 -5.63 -37.06 -3.53
CA PRO A 529 -5.47 -35.62 -3.69
C PRO A 529 -4.92 -35.37 -5.10
N THR A 530 -5.22 -34.19 -5.60
CA THR A 530 -5.23 -33.84 -7.04
C THR A 530 -4.44 -32.54 -7.19
N GLN A 531 -3.66 -32.45 -8.25
CA GLN A 531 -2.76 -31.33 -8.54
C GLN A 531 -2.62 -31.23 -10.07
N THR A 532 -2.77 -30.05 -10.66
CA THR A 532 -2.29 -29.80 -12.05
C THR A 532 -0.77 -29.76 -11.99
N VAL A 533 -0.11 -29.92 -13.12
CA VAL A 533 1.38 -29.77 -13.17
C VAL A 533 1.74 -28.38 -12.65
N ASP A 534 1.09 -27.35 -13.19
CA ASP A 534 1.39 -25.91 -12.94
C ASP A 534 1.24 -25.58 -11.45
N SER A 535 0.20 -26.10 -10.78
CA SER A 535 -0.02 -25.92 -9.32
C SER A 535 0.90 -26.84 -8.49
N SER A 536 1.52 -27.86 -9.08
CA SER A 536 2.39 -28.81 -8.35
C SER A 536 3.78 -28.19 -8.18
N GLN A 537 4.16 -27.28 -9.09
CA GLN A 537 5.53 -26.66 -9.14
C GLN A 537 5.88 -26.13 -7.74
N GLY A 538 7.11 -26.40 -7.28
CA GLY A 538 7.64 -25.99 -5.95
C GLY A 538 7.25 -26.94 -4.81
N SER A 539 6.37 -27.91 -5.04
CA SER A 539 5.94 -28.96 -4.09
C SER A 539 6.64 -30.28 -4.42
N GLU A 540 6.59 -31.21 -3.45
CA GLU A 540 7.14 -32.58 -3.55
C GLU A 540 6.23 -33.54 -2.80
N TYR A 541 6.07 -34.75 -3.33
CA TYR A 541 5.24 -35.80 -2.71
C TYR A 541 5.98 -37.12 -2.84
N ASP A 542 5.81 -37.99 -1.85
CA ASP A 542 6.47 -39.32 -1.79
C ASP A 542 6.15 -40.02 -3.12
N TYR A 543 4.88 -40.15 -3.42
CA TYR A 543 4.41 -40.86 -4.63
C TYR A 543 3.56 -39.95 -5.49
N VAL A 544 3.70 -40.08 -6.80
CA VAL A 544 3.02 -39.22 -7.79
C VAL A 544 2.40 -40.17 -8.81
N ILE A 545 1.13 -39.99 -9.14
CA ILE A 545 0.56 -40.66 -10.33
C ILE A 545 0.27 -39.56 -11.35
N PHE A 546 0.89 -39.63 -12.51
CA PHE A 546 0.70 -38.67 -13.62
C PHE A 546 0.04 -39.36 -14.80
N THR A 547 -1.13 -38.92 -15.24
CA THR A 547 -1.74 -39.30 -16.53
C THR A 547 -1.54 -38.11 -17.47
N GLN A 548 -0.85 -38.29 -18.60
CA GLN A 548 -0.66 -37.23 -19.62
C GLN A 548 -2.01 -36.75 -20.16
N THR A 549 -3.00 -37.60 -20.28
CA THR A 549 -4.40 -37.28 -20.70
C THR A 549 -4.49 -37.16 -22.22
N THR A 550 -3.71 -36.27 -22.82
CA THR A 550 -3.74 -36.04 -24.29
C THR A 550 -2.33 -36.00 -24.87
N GLU A 551 -2.27 -35.81 -26.19
CA GLU A 551 -1.02 -35.66 -26.98
C GLU A 551 -0.93 -34.24 -27.48
N THR A 552 -1.56 -33.29 -26.80
CA THR A 552 -1.48 -31.84 -27.19
C THR A 552 -0.09 -31.27 -26.96
N ALA A 553 0.15 -30.03 -27.38
CA ALA A 553 1.39 -29.27 -27.17
C ALA A 553 1.56 -28.94 -25.69
N HIS A 554 0.46 -28.65 -25.01
CA HIS A 554 0.38 -28.37 -23.55
C HIS A 554 0.87 -29.59 -22.77
N SER A 555 0.30 -30.76 -23.03
CA SER A 555 0.61 -32.02 -22.31
C SER A 555 2.00 -32.54 -22.70
N CYS A 556 2.55 -32.11 -23.85
CA CYS A 556 3.87 -32.61 -24.34
C CYS A 556 4.96 -31.59 -24.07
N ASN A 557 4.61 -30.46 -23.47
CA ASN A 557 5.60 -29.40 -23.18
C ASN A 557 6.65 -29.98 -22.22
N VAL A 558 7.93 -29.88 -22.58
CA VAL A 558 9.04 -30.55 -21.84
C VAL A 558 9.24 -29.84 -20.50
N ASN A 559 9.12 -28.52 -20.43
CA ASN A 559 9.14 -27.81 -19.12
C ASN A 559 8.05 -28.39 -18.20
N ARG A 560 6.84 -28.62 -18.68
CA ARG A 560 5.70 -29.09 -17.86
C ARG A 560 5.99 -30.53 -17.46
N PHE A 561 6.46 -31.32 -18.42
CA PHE A 561 6.83 -32.74 -18.21
C PHE A 561 7.89 -32.86 -17.11
N ASN A 562 8.88 -31.96 -17.16
CA ASN A 562 10.00 -31.84 -16.19
C ASN A 562 9.41 -31.67 -14.80
N VAL A 563 8.57 -30.66 -14.62
CA VAL A 563 7.97 -30.35 -13.28
C VAL A 563 7.12 -31.53 -12.81
N ALA A 564 6.28 -32.11 -13.67
CA ALA A 564 5.36 -33.22 -13.31
C ALA A 564 6.14 -34.37 -12.64
N ILE A 565 7.19 -34.88 -13.28
CA ILE A 565 7.84 -36.14 -12.84
C ILE A 565 8.85 -35.86 -11.73
N THR A 566 9.33 -34.61 -11.59
CA THR A 566 10.26 -34.19 -10.51
C THR A 566 9.49 -33.78 -9.25
N ARG A 567 8.18 -33.97 -9.16
CA ARG A 567 7.49 -33.76 -7.86
C ARG A 567 7.77 -34.95 -6.91
N ALA A 568 8.15 -36.11 -7.44
CA ALA A 568 8.21 -37.41 -6.71
C ALA A 568 9.54 -37.58 -5.94
N LYS A 569 9.45 -37.96 -4.67
CA LYS A 569 10.63 -38.29 -3.82
C LYS A 569 10.97 -39.78 -3.93
N VAL A 570 9.96 -40.65 -3.99
CA VAL A 570 10.11 -42.12 -3.84
C VAL A 570 9.66 -42.82 -5.12
N GLY A 571 8.42 -42.61 -5.54
CA GLY A 571 7.89 -43.31 -6.74
C GLY A 571 7.02 -42.42 -7.61
N ILE A 572 6.82 -42.84 -8.85
CA ILE A 572 5.94 -42.19 -9.84
C ILE A 572 5.40 -43.26 -10.78
N LEU A 573 4.13 -43.17 -11.10
CA LEU A 573 3.47 -43.91 -12.20
C LEU A 573 3.08 -42.86 -13.22
N CYS A 574 3.61 -42.94 -14.43
CA CYS A 574 3.27 -42.10 -15.59
C CYS A 574 2.54 -42.97 -16.60
N ILE A 575 1.26 -42.71 -16.80
CA ILE A 575 0.47 -43.29 -17.90
C ILE A 575 0.62 -42.26 -19.01
N MET A 576 1.19 -42.64 -20.14
CA MET A 576 1.63 -41.68 -21.19
C MET A 576 0.76 -41.80 -22.46
N SER A 577 0.78 -40.76 -23.27
CA SER A 577 0.05 -40.67 -24.55
C SER A 577 1.04 -40.38 -25.67
N ASP A 578 2.20 -39.79 -25.34
CA ASP A 578 3.22 -39.32 -26.31
C ASP A 578 4.32 -40.37 -26.40
N ARG A 579 4.48 -41.01 -27.56
CA ARG A 579 5.51 -42.07 -27.74
C ARG A 579 6.86 -41.51 -27.25
N ASP A 580 7.30 -40.39 -27.81
CA ASP A 580 8.60 -39.75 -27.51
C ASP A 580 8.79 -39.71 -25.98
N LEU A 581 7.90 -39.02 -25.25
CA LEU A 581 8.14 -38.75 -23.81
C LEU A 581 8.03 -40.05 -23.01
N TYR A 582 7.14 -40.96 -23.42
CA TYR A 582 7.14 -42.35 -22.91
C TYR A 582 8.52 -43.00 -23.07
N ASP A 583 9.10 -42.97 -24.28
CA ASP A 583 10.41 -43.65 -24.54
C ASP A 583 11.51 -42.96 -23.73
N LYS A 584 11.49 -41.64 -23.58
CA LYS A 584 12.53 -40.89 -22.81
C LYS A 584 12.47 -41.36 -21.35
N LEU A 585 11.29 -41.73 -20.83
CA LEU A 585 11.17 -42.07 -19.39
C LEU A 585 12.05 -43.29 -19.10
N GLN A 586 13.12 -43.07 -18.32
CA GLN A 586 14.03 -44.16 -17.90
C GLN A 586 13.36 -44.87 -16.72
N PHE A 587 12.15 -45.40 -16.94
CA PHE A 587 11.35 -46.11 -15.90
C PHE A 587 11.14 -47.54 -16.39
N THR A 588 10.88 -48.45 -15.46
CA THR A 588 10.34 -49.81 -15.69
C THR A 588 8.98 -49.67 -16.39
N SER A 589 8.74 -50.31 -17.55
CA SER A 589 7.42 -50.28 -18.20
C SER A 589 6.51 -51.36 -17.60
N LEU A 590 5.23 -51.05 -17.43
CA LEU A 590 4.19 -52.03 -17.03
C LEU A 590 3.39 -52.49 -18.25
N GLU A 591 2.66 -53.59 -18.12
CA GLU A 591 1.79 -54.17 -19.18
C GLU A 591 0.31 -53.93 -18.82
N ILE A 592 -0.51 -53.72 -19.86
CA ILE A 592 -2.02 -53.76 -19.94
C ILE A 592 -2.45 -52.56 -20.78
N VAL B 2 22.82 0.55 11.86
CA VAL B 2 23.94 1.55 11.94
C VAL B 2 23.54 2.83 11.19
N GLY B 3 23.70 4.00 11.84
CA GLY B 3 23.17 5.29 11.38
C GLY B 3 23.71 6.41 12.24
N ALA B 4 22.93 7.45 12.50
CA ALA B 4 23.38 8.73 13.09
C ALA B 4 22.66 9.04 14.40
N CYS B 5 23.35 9.74 15.28
CA CYS B 5 22.92 10.03 16.68
C CYS B 5 21.79 11.07 16.64
N VAL B 6 20.61 10.74 17.17
CA VAL B 6 19.43 11.64 17.15
C VAL B 6 19.68 12.88 18.02
N LEU B 7 20.84 13.06 18.65
CA LEU B 7 21.15 14.29 19.45
C LEU B 7 22.38 15.06 18.91
N CYS B 8 23.31 14.34 18.24
CA CYS B 8 24.66 14.81 17.80
C CYS B 8 24.81 14.68 16.28
N ASN B 9 24.20 13.64 15.73
CA ASN B 9 24.36 13.11 14.35
C ASN B 9 25.70 12.36 14.27
N SER B 10 26.56 12.47 15.28
CA SER B 10 27.77 11.62 15.42
C SER B 10 27.40 10.22 14.94
N GLN B 11 28.06 9.72 13.90
CA GLN B 11 27.93 8.33 13.39
C GLN B 11 27.81 7.40 14.61
N THR B 12 27.22 6.21 14.48
CA THR B 12 27.29 5.16 15.55
C THR B 12 26.78 3.81 15.04
N SER B 13 27.12 2.75 15.77
CA SER B 13 26.53 1.39 15.65
C SER B 13 25.65 1.11 16.87
N LEU B 14 25.30 2.14 17.66
CA LEU B 14 24.50 1.97 18.90
C LEU B 14 23.06 2.46 18.70
N ARG B 15 22.09 1.59 19.01
CA ARG B 15 20.65 1.90 19.23
C ARG B 15 20.26 1.56 20.68
N CYS B 16 19.70 2.52 21.44
CA CYS B 16 19.03 2.26 22.75
C CYS B 16 17.87 1.31 22.52
N GLY B 17 17.87 0.15 23.18
CA GLY B 17 16.93 -0.94 22.89
C GLY B 17 15.73 -0.90 23.82
N ALA B 18 15.75 0.01 24.81
CA ALA B 18 14.64 0.26 25.75
C ALA B 18 13.68 1.29 25.15
N CYS B 19 14.19 2.32 24.46
CA CYS B 19 13.40 3.26 23.60
C CYS B 19 12.56 2.48 22.59
N ILE B 20 11.25 2.76 22.53
CA ILE B 20 10.32 1.93 21.70
C ILE B 20 10.68 2.15 20.23
N ARG B 21 11.33 3.27 19.89
CA ARG B 21 11.76 3.61 18.51
C ARG B 21 13.20 3.14 18.25
N ARG B 22 14.00 2.93 19.29
CA ARG B 22 15.40 2.45 19.16
C ARG B 22 16.24 3.53 18.48
N PRO B 23 16.25 4.78 18.98
CA PRO B 23 16.99 5.85 18.31
C PRO B 23 18.50 5.58 18.31
N PHE B 24 19.16 5.84 17.19
CA PHE B 24 20.63 5.84 17.10
C PHE B 24 21.16 6.90 18.07
N LEU B 25 21.99 6.44 19.01
CA LEU B 25 22.72 7.26 20.00
C LEU B 25 24.23 7.02 19.83
N CYS B 26 25.03 8.06 19.98
CA CYS B 26 26.52 7.97 19.90
C CYS B 26 27.11 7.66 21.28
N CYS B 27 28.20 6.89 21.29
CA CYS B 27 28.95 6.50 22.52
C CYS B 27 28.68 7.53 23.63
N LYS B 28 28.88 8.83 23.40
CA LYS B 28 28.82 9.85 24.48
C LYS B 28 27.35 10.05 24.90
N CYS B 29 26.43 10.03 23.92
CA CYS B 29 24.98 10.38 24.11
C CYS B 29 24.25 9.12 24.63
N CYS B 30 24.58 7.95 24.09
CA CYS B 30 24.05 6.64 24.54
C CYS B 30 24.35 6.44 26.03
N TYR B 31 25.57 6.80 26.47
CA TYR B 31 26.05 6.68 27.87
C TYR B 31 25.22 7.62 28.75
N ASP B 32 25.24 8.91 28.46
CA ASP B 32 24.47 9.92 29.24
C ASP B 32 22.99 9.51 29.30
N HIS B 33 22.47 8.78 28.28
CA HIS B 33 21.07 8.28 28.25
C HIS B 33 20.91 7.16 29.29
N VAL B 34 21.71 6.10 29.18
CA VAL B 34 21.56 4.87 30.01
C VAL B 34 21.86 5.17 31.49
N ILE B 35 22.79 6.07 31.81
CA ILE B 35 23.16 6.40 33.23
C ILE B 35 22.10 7.31 33.86
N SER B 36 21.21 7.93 33.07
CA SER B 36 20.26 8.97 33.57
C SER B 36 18.84 8.43 33.61
N THR B 37 18.56 7.29 32.99
CA THR B 37 17.21 6.69 32.82
C THR B 37 17.23 5.26 33.37
N SER B 38 16.10 4.57 33.26
CA SER B 38 15.92 3.12 33.50
C SER B 38 16.33 2.34 32.24
N HIS B 39 16.54 3.04 31.14
CA HIS B 39 16.90 2.44 29.84
C HIS B 39 18.36 1.95 29.94
N LYS B 40 18.61 0.64 29.83
CA LYS B 40 19.97 0.08 29.89
C LYS B 40 20.16 -1.06 28.88
N LEU B 41 19.14 -1.44 28.09
CA LEU B 41 19.41 -2.33 26.94
C LEU B 41 19.99 -1.43 25.83
N VAL B 42 21.15 -1.80 25.27
CA VAL B 42 21.79 -1.11 24.11
C VAL B 42 21.93 -2.13 22.98
N LEU B 43 21.65 -1.72 21.74
CA LEU B 43 21.69 -2.60 20.53
C LEU B 43 22.80 -2.12 19.58
N SER B 44 23.43 -3.03 18.82
CA SER B 44 24.40 -2.68 17.75
C SER B 44 24.23 -3.56 16.50
N VAL B 45 25.21 -4.41 16.20
CA VAL B 45 25.10 -5.50 15.18
C VAL B 45 24.34 -6.64 15.85
N ASN B 46 24.71 -6.90 17.11
CA ASN B 46 23.99 -7.78 18.05
C ASN B 46 23.40 -6.88 19.14
N PRO B 47 22.58 -7.44 20.05
CA PRO B 47 22.22 -6.76 21.30
C PRO B 47 23.27 -6.98 22.41
N TYR B 48 23.65 -5.89 23.09
CA TYR B 48 24.52 -5.91 24.30
C TYR B 48 23.78 -6.67 25.40
N VAL B 49 23.90 -7.99 25.37
CA VAL B 49 23.33 -8.96 26.36
C VAL B 49 24.40 -10.01 26.61
N CYS B 50 24.47 -10.56 27.83
CA CYS B 50 25.42 -11.65 28.16
C CYS B 50 25.14 -12.82 27.22
N ASN B 51 26.18 -13.47 26.73
CA ASN B 51 26.05 -14.60 25.77
C ASN B 51 26.02 -15.94 26.53
N ALA B 52 26.37 -15.96 27.82
CA ALA B 52 26.42 -17.18 28.66
C ALA B 52 25.03 -17.80 28.69
N PRO B 53 24.91 -19.13 28.46
CA PRO B 53 23.60 -19.79 28.37
C PRO B 53 22.68 -19.56 29.59
N GLY B 54 21.45 -19.09 29.33
CA GLY B 54 20.45 -18.82 30.37
C GLY B 54 20.94 -17.80 31.37
N CYS B 55 21.69 -16.79 30.90
CA CYS B 55 22.05 -15.57 31.68
C CYS B 55 21.20 -14.39 31.20
N ASP B 56 20.52 -13.73 32.14
CA ASP B 56 19.45 -12.72 31.89
C ASP B 56 20.01 -11.32 32.18
N VAL B 57 21.32 -11.10 32.00
CA VAL B 57 21.93 -9.74 32.16
C VAL B 57 21.86 -9.03 30.80
N THR B 58 21.13 -7.90 30.78
CA THR B 58 20.81 -7.04 29.60
C THR B 58 21.27 -5.59 29.87
N ASP B 59 21.62 -5.26 31.11
CA ASP B 59 22.05 -3.89 31.51
C ASP B 59 23.46 -3.66 30.96
N VAL B 60 23.66 -2.59 30.18
CA VAL B 60 24.96 -2.29 29.50
C VAL B 60 26.04 -1.96 30.55
N THR B 61 25.68 -1.38 31.71
CA THR B 61 26.63 -1.00 32.79
C THR B 61 27.08 -2.23 33.60
N GLN B 62 26.45 -3.40 33.39
CA GLN B 62 26.81 -4.69 34.06
C GLN B 62 27.38 -5.66 33.01
N LEU B 63 28.00 -5.18 31.93
CA LEU B 63 28.40 -6.04 30.79
C LEU B 63 29.77 -5.64 30.25
N TYR B 64 30.42 -6.61 29.60
CA TYR B 64 31.84 -6.58 29.15
C TYR B 64 31.93 -7.31 27.80
N LEU B 65 32.69 -6.74 26.86
CA LEU B 65 33.14 -7.44 25.63
C LEU B 65 34.32 -8.36 25.99
N GLY B 66 34.08 -9.68 25.98
CA GLY B 66 35.08 -10.74 26.20
C GLY B 66 35.45 -11.42 24.90
N GLY B 67 36.59 -11.07 24.33
CA GLY B 67 37.03 -11.55 23.00
C GLY B 67 36.18 -10.95 21.91
N MET B 68 35.14 -11.67 21.47
CA MET B 68 34.22 -11.24 20.37
C MET B 68 32.74 -11.37 20.77
N SER B 69 32.44 -11.87 21.97
CA SER B 69 31.06 -12.01 22.52
C SER B 69 30.94 -11.25 23.85
N TYR B 70 29.75 -10.74 24.18
CA TYR B 70 29.50 -9.90 25.39
C TYR B 70 29.12 -10.80 26.58
N TYR B 71 29.62 -10.44 27.77
CA TYR B 71 29.34 -11.18 29.02
C TYR B 71 29.15 -10.20 30.17
N CYS B 72 28.46 -10.66 31.22
CA CYS B 72 28.28 -9.91 32.47
C CYS B 72 29.53 -10.11 33.33
N LYS B 73 29.55 -9.48 34.51
CA LYS B 73 30.64 -9.63 35.50
C LYS B 73 30.85 -11.14 35.74
N SER B 74 29.77 -11.93 35.83
CA SER B 74 29.78 -13.35 36.26
C SER B 74 30.29 -14.31 35.18
N HIS B 75 30.26 -13.92 33.91
CA HIS B 75 30.51 -14.86 32.78
C HIS B 75 31.59 -14.33 31.84
N LYS B 76 32.24 -13.21 32.20
CA LYS B 76 33.30 -12.63 31.36
C LYS B 76 34.51 -13.56 31.43
N PRO B 77 35.33 -13.62 30.36
CA PRO B 77 36.64 -14.23 30.44
C PRO B 77 37.66 -13.32 31.16
N PRO B 78 38.91 -13.78 31.38
CA PRO B 78 39.91 -12.95 32.05
C PRO B 78 40.25 -11.68 31.25
N ILE B 79 40.28 -11.81 29.91
CA ILE B 79 40.52 -10.68 28.98
C ILE B 79 39.16 -10.19 28.46
N SER B 80 38.62 -9.16 29.12
CA SER B 80 37.37 -8.42 28.78
C SER B 80 37.59 -6.94 29.09
N PHE B 81 36.94 -6.02 28.37
CA PHE B 81 36.84 -4.60 28.76
C PHE B 81 35.36 -4.21 28.91
N PRO B 82 35.03 -3.30 29.85
CA PRO B 82 33.63 -2.95 30.12
C PRO B 82 33.06 -2.12 28.97
N LEU B 83 31.77 -2.27 28.68
CA LEU B 83 31.09 -1.48 27.61
C LEU B 83 30.91 -0.01 28.05
N CYS B 84 30.75 0.29 29.35
CA CYS B 84 30.69 1.70 29.88
C CYS B 84 32.00 2.11 30.56
N ALA B 85 32.61 3.20 30.11
CA ALA B 85 33.82 3.80 30.73
C ALA B 85 34.08 5.18 30.14
N ASN B 86 34.57 6.11 30.94
CA ASN B 86 34.98 7.46 30.45
C ASN B 86 33.78 8.13 29.77
N GLY B 87 32.59 8.01 30.39
CA GLY B 87 31.34 8.66 29.98
C GLY B 87 30.86 8.20 28.62
N GLN B 88 31.12 6.94 28.25
CA GLN B 88 30.88 6.40 26.90
C GLN B 88 30.47 4.94 26.97
N VAL B 89 29.49 4.55 26.15
CA VAL B 89 29.15 3.13 25.84
C VAL B 89 30.03 2.74 24.64
N PHE B 90 30.53 1.50 24.62
CA PHE B 90 31.45 1.01 23.57
C PHE B 90 30.66 0.65 22.31
N GLY B 91 30.88 1.44 21.27
CA GLY B 91 30.34 1.20 19.92
C GLY B 91 31.19 1.91 18.88
N LEU B 92 31.21 1.36 17.66
CA LEU B 92 31.98 1.86 16.48
C LEU B 92 31.96 3.39 16.44
N TYR B 93 32.95 3.96 15.73
CA TYR B 93 33.08 5.42 15.42
C TYR B 93 33.22 6.22 16.72
N LYS B 94 33.99 5.69 17.69
CA LYS B 94 34.25 6.30 19.03
C LYS B 94 35.13 7.56 18.90
N ASN B 95 35.95 7.62 17.83
CA ASN B 95 36.87 8.74 17.49
C ASN B 95 36.06 9.95 16.98
N THR B 96 34.95 9.68 16.26
CA THR B 96 33.95 10.66 15.75
C THR B 96 32.73 10.68 16.70
N CYS B 97 32.83 11.49 17.77
CA CYS B 97 31.85 11.62 18.88
C CYS B 97 31.93 13.08 19.39
N VAL B 98 30.82 13.72 19.71
CA VAL B 98 30.79 15.15 20.17
C VAL B 98 29.98 15.31 21.46
N GLY B 99 28.91 14.53 21.66
CA GLY B 99 28.04 14.56 22.85
C GLY B 99 27.11 15.74 22.84
N SER B 100 26.36 16.01 23.92
CA SER B 100 25.37 17.12 24.02
C SER B 100 25.45 17.85 25.37
N ASP B 101 25.02 19.12 25.40
CA ASP B 101 25.13 20.03 26.59
C ASP B 101 24.28 19.45 27.71
N ASN B 102 23.04 19.06 27.37
CA ASN B 102 22.07 18.32 28.23
C ASN B 102 21.31 17.35 27.33
N VAL B 103 21.28 16.07 27.69
CA VAL B 103 20.50 14.97 27.04
C VAL B 103 19.12 14.90 27.71
N THR B 104 18.77 15.94 28.47
CA THR B 104 17.64 16.00 29.41
C THR B 104 16.29 15.90 28.68
N ASP B 105 16.03 16.76 27.69
CA ASP B 105 14.80 16.78 26.85
C ASP B 105 14.64 15.44 26.09
N PHE B 106 15.70 14.82 25.61
CA PHE B 106 15.60 13.51 24.90
C PHE B 106 15.14 12.39 25.86
N ASN B 107 15.65 12.39 27.08
CA ASN B 107 15.30 11.41 28.16
C ASN B 107 13.79 11.48 28.37
N ALA B 108 13.30 12.69 28.65
CA ALA B 108 11.87 13.01 28.88
C ALA B 108 11.04 12.49 27.70
N ILE B 109 11.45 12.72 26.45
CA ILE B 109 10.67 12.24 25.28
C ILE B 109 10.73 10.72 25.25
N ALA B 110 11.87 10.15 25.62
CA ALA B 110 12.09 8.69 25.54
C ALA B 110 11.27 7.96 26.61
N THR B 111 11.04 8.60 27.77
CA THR B 111 10.56 7.92 29.00
C THR B 111 9.11 8.29 29.33
N CYS B 112 8.56 9.38 28.78
CA CYS B 112 7.20 9.86 29.12
C CYS B 112 6.16 8.94 28.49
N ASP B 113 4.94 8.94 29.03
CA ASP B 113 3.84 8.03 28.63
C ASP B 113 2.78 8.77 27.80
N TRP B 114 2.96 10.08 27.63
CA TRP B 114 2.22 10.93 26.66
C TRP B 114 0.79 11.19 27.18
N THR B 115 0.58 11.13 28.49
CA THR B 115 -0.74 11.36 29.12
C THR B 115 -0.79 12.79 29.68
N ASN B 116 0.34 13.47 29.80
CA ASN B 116 0.40 14.86 30.32
C ASN B 116 0.66 15.81 29.14
N ALA B 117 0.01 16.97 29.17
CA ALA B 117 0.10 18.03 28.14
C ALA B 117 1.57 18.48 27.99
N GLY B 118 2.30 18.59 29.11
CA GLY B 118 3.73 18.96 29.16
C GLY B 118 4.58 18.11 28.25
N ASP B 119 4.10 16.91 27.91
CA ASP B 119 4.87 15.99 27.05
C ASP B 119 4.86 16.53 25.61
N TYR B 120 3.69 16.99 25.16
CA TYR B 120 3.42 17.49 23.79
C TYR B 120 4.06 18.87 23.68
N ILE B 121 4.11 19.59 24.81
CA ILE B 121 4.68 20.96 24.87
C ILE B 121 6.17 20.81 24.55
N LEU B 122 6.82 19.82 25.17
CA LEU B 122 8.25 19.53 24.96
C LEU B 122 8.48 19.08 23.50
N ALA B 123 7.59 18.23 22.99
CA ALA B 123 7.75 17.57 21.67
C ALA B 123 7.72 18.64 20.57
N ASN B 124 7.30 19.86 20.92
CA ASN B 124 7.05 20.95 19.95
C ASN B 124 7.96 22.15 20.24
N THR B 125 8.65 22.19 21.40
CA THR B 125 9.58 23.30 21.76
C THR B 125 11.03 22.80 21.73
N CYS B 126 11.24 21.49 21.53
CA CYS B 126 12.59 20.86 21.54
C CYS B 126 13.25 21.10 20.18
N THR B 127 14.43 20.55 19.95
CA THR B 127 15.18 20.71 18.68
C THR B 127 14.47 19.92 17.60
N GLU B 128 14.62 20.35 16.34
CA GLU B 128 13.91 19.78 15.18
C GLU B 128 14.08 18.26 15.19
N ARG B 129 15.31 17.78 15.34
CA ARG B 129 15.58 16.32 15.25
C ARG B 129 14.82 15.57 16.36
N LEU B 130 14.61 16.20 17.51
CA LEU B 130 13.88 15.59 18.65
C LEU B 130 12.36 15.72 18.45
N LYS B 131 11.90 16.77 17.73
CA LYS B 131 10.50 16.88 17.23
C LYS B 131 10.13 15.60 16.45
N LEU B 132 11.06 15.08 15.62
CA LEU B 132 10.81 13.87 14.80
C LEU B 132 10.82 12.64 15.70
N PHE B 133 11.82 12.51 16.59
CA PHE B 133 11.93 11.37 17.53
C PHE B 133 10.67 11.35 18.40
N ALA B 134 10.24 12.50 18.91
CA ALA B 134 9.04 12.64 19.79
C ALA B 134 7.81 12.18 19.02
N ALA B 135 7.63 12.72 17.81
CA ALA B 135 6.51 12.43 16.91
C ALA B 135 6.37 10.91 16.69
N GLU B 136 7.48 10.22 16.35
CA GLU B 136 7.55 8.75 16.21
C GLU B 136 7.16 8.07 17.54
N THR B 137 7.83 8.45 18.62
CA THR B 137 7.72 7.77 19.92
C THR B 137 6.25 7.84 20.35
N LEU B 138 5.64 9.01 20.15
CA LEU B 138 4.22 9.25 20.48
C LEU B 138 3.33 8.35 19.62
N LYS B 139 3.51 8.36 18.30
CA LYS B 139 2.58 7.66 17.37
C LYS B 139 2.67 6.16 17.61
N ALA B 140 3.89 5.68 17.89
CA ALA B 140 4.15 4.27 18.22
C ALA B 140 3.49 3.98 19.56
N THR B 141 3.58 4.89 20.53
CA THR B 141 2.89 4.74 21.85
C THR B 141 1.37 4.71 21.59
N GLU B 142 0.90 5.58 20.69
CA GLU B 142 -0.53 5.63 20.32
C GLU B 142 -0.97 4.28 19.76
N GLU B 143 -0.30 3.71 18.75
CA GLU B 143 -0.72 2.46 18.05
C GLU B 143 -0.63 1.26 18.99
N THR B 144 0.33 1.24 19.92
CA THR B 144 0.56 0.12 20.87
C THR B 144 -0.58 0.12 21.89
N PHE B 145 -1.00 1.31 22.29
CA PHE B 145 -2.08 1.50 23.28
C PHE B 145 -3.41 0.96 22.72
N LYS B 146 -3.60 0.97 21.40
CA LYS B 146 -4.83 0.42 20.78
C LYS B 146 -4.87 -1.12 20.93
N LEU B 147 -3.71 -1.79 21.00
CA LEU B 147 -3.57 -3.26 21.24
C LEU B 147 -4.03 -3.59 22.66
N SER B 148 -3.92 -2.63 23.59
CA SER B 148 -4.21 -2.78 25.04
C SER B 148 -5.69 -3.11 25.20
N TYR B 149 -6.51 -2.73 24.22
CA TYR B 149 -7.98 -2.87 24.28
C TYR B 149 -8.39 -4.30 23.96
N GLY B 150 -9.41 -4.78 24.67
CA GLY B 150 -9.97 -6.13 24.48
C GLY B 150 -10.68 -6.22 23.14
N ILE B 151 -10.81 -7.45 22.63
CA ILE B 151 -11.54 -7.83 21.39
C ILE B 151 -13.04 -7.83 21.70
N ALA B 152 -13.84 -7.10 20.92
CA ALA B 152 -15.31 -7.12 20.96
C ALA B 152 -15.81 -8.23 20.03
N THR B 153 -16.74 -9.07 20.48
CA THR B 153 -17.28 -10.20 19.66
C THR B 153 -18.81 -10.12 19.67
N VAL B 154 -19.42 -10.35 18.49
CA VAL B 154 -20.89 -10.46 18.28
C VAL B 154 -21.39 -11.70 19.02
N ARG B 155 -22.07 -11.48 20.14
CA ARG B 155 -22.76 -12.53 20.92
C ARG B 155 -24.09 -12.86 20.23
N GLU B 156 -24.82 -11.82 19.81
CA GLU B 156 -26.21 -11.88 19.25
C GLU B 156 -26.35 -10.72 18.26
N VAL B 157 -26.99 -10.94 17.12
CA VAL B 157 -27.42 -9.85 16.18
C VAL B 157 -28.86 -9.52 16.55
N LEU B 158 -29.06 -8.38 17.24
CA LEU B 158 -30.36 -7.96 17.82
C LEU B 158 -31.33 -7.58 16.69
N SER B 159 -30.78 -7.01 15.62
CA SER B 159 -31.52 -6.56 14.42
C SER B 159 -30.49 -6.16 13.35
N ASP B 160 -30.91 -5.40 12.34
CA ASP B 160 -30.02 -4.61 11.46
C ASP B 160 -29.49 -3.44 12.32
N ARG B 161 -28.28 -2.95 12.04
CA ARG B 161 -27.67 -1.73 12.65
C ARG B 161 -27.57 -1.81 14.19
N GLU B 162 -27.96 -2.91 14.84
CA GLU B 162 -27.92 -3.05 16.32
C GLU B 162 -27.41 -4.44 16.71
N LEU B 163 -26.48 -4.48 17.69
CA LEU B 163 -25.70 -5.68 18.09
C LEU B 163 -25.74 -5.90 19.60
N HIS B 164 -25.31 -7.09 19.98
CA HIS B 164 -24.94 -7.47 21.37
C HIS B 164 -23.46 -7.83 21.33
N LEU B 165 -22.65 -7.22 22.21
CA LEU B 165 -21.19 -7.44 22.21
C LEU B 165 -20.75 -8.18 23.48
N SER B 166 -19.86 -9.16 23.27
CA SER B 166 -19.12 -9.88 24.33
C SER B 166 -17.67 -9.39 24.28
N TRP B 167 -17.08 -9.06 25.43
CA TRP B 167 -15.79 -8.33 25.55
C TRP B 167 -14.74 -9.20 26.23
N GLU B 168 -13.58 -9.38 25.59
CA GLU B 168 -12.37 -10.04 26.14
C GLU B 168 -12.11 -9.53 27.55
N VAL B 169 -11.98 -10.43 28.54
CA VAL B 169 -11.83 -10.11 29.99
C VAL B 169 -10.35 -9.89 30.29
N GLY B 170 -10.03 -8.93 31.17
CA GLY B 170 -8.64 -8.67 31.58
C GLY B 170 -8.04 -7.54 30.78
N LYS B 171 -8.56 -7.29 29.57
CA LYS B 171 -8.20 -6.13 28.73
C LYS B 171 -9.34 -5.13 28.79
N PRO B 172 -9.05 -3.81 28.92
CA PRO B 172 -10.09 -2.79 28.90
C PRO B 172 -10.81 -2.66 27.55
N ARG B 173 -12.05 -2.14 27.61
CA ARG B 173 -12.98 -1.89 26.48
C ARG B 173 -12.79 -0.44 26.04
N PRO B 174 -12.53 -0.17 24.73
CA PRO B 174 -12.32 1.20 24.26
C PRO B 174 -13.60 2.02 24.38
N PRO B 175 -13.48 3.37 24.41
CA PRO B 175 -14.65 4.25 24.33
C PRO B 175 -15.43 4.00 23.05
N LEU B 176 -16.75 3.87 23.12
CA LEU B 176 -17.59 3.54 21.94
C LEU B 176 -18.12 4.84 21.30
N ASN B 177 -17.20 5.62 20.68
CA ASN B 177 -17.46 6.89 19.94
C ASN B 177 -16.76 6.87 18.56
N ARG B 178 -16.93 7.93 17.78
CA ARG B 178 -16.53 7.98 16.35
C ARG B 178 -15.00 7.93 16.22
N ASN B 179 -14.28 8.57 17.16
CA ASN B 179 -12.79 8.65 17.18
C ASN B 179 -12.17 7.26 17.42
N TYR B 180 -12.99 6.21 17.41
CA TYR B 180 -12.60 4.78 17.62
C TYR B 180 -13.25 3.95 16.52
N VAL B 181 -12.50 3.68 15.44
CA VAL B 181 -12.97 2.90 14.27
C VAL B 181 -12.39 1.49 14.36
N PHE B 182 -13.27 0.49 14.44
CA PHE B 182 -12.94 -0.96 14.63
C PHE B 182 -12.69 -1.59 13.26
N THR B 183 -12.53 -2.91 13.26
CA THR B 183 -12.59 -3.76 12.06
C THR B 183 -13.29 -5.06 12.43
N GLY B 184 -14.32 -5.45 11.67
CA GLY B 184 -14.93 -6.78 11.77
C GLY B 184 -13.97 -7.85 11.26
N TYR B 185 -14.32 -9.12 11.46
CA TYR B 185 -13.48 -10.27 11.08
C TYR B 185 -14.34 -11.54 11.13
N ARG B 186 -14.25 -12.41 10.10
CA ARG B 186 -15.01 -13.69 10.01
C ARG B 186 -14.06 -14.86 10.33
N VAL B 187 -14.47 -15.73 11.26
CA VAL B 187 -13.64 -16.86 11.78
C VAL B 187 -13.55 -17.90 10.66
N THR B 188 -12.57 -17.77 9.75
CA THR B 188 -12.37 -18.72 8.61
C THR B 188 -11.60 -19.94 9.12
N LYS B 189 -11.56 -21.01 8.31
CA LYS B 189 -11.00 -22.34 8.70
C LYS B 189 -9.72 -22.14 9.54
N ASN B 190 -8.70 -21.47 8.98
CA ASN B 190 -7.32 -21.40 9.54
C ASN B 190 -6.92 -19.96 9.89
N SER B 191 -7.74 -18.95 9.54
CA SER B 191 -7.42 -17.52 9.76
C SER B 191 -8.69 -16.68 9.84
N LYS B 192 -8.54 -15.36 9.68
CA LYS B 192 -9.62 -14.33 9.77
C LYS B 192 -9.58 -13.54 8.46
N VAL B 193 -10.75 -13.12 7.95
CA VAL B 193 -10.83 -12.25 6.74
C VAL B 193 -11.54 -10.93 7.11
N GLN B 194 -10.91 -9.81 6.74
CA GLN B 194 -11.38 -8.41 7.01
C GLN B 194 -12.81 -8.26 6.47
N ILE B 195 -13.73 -7.81 7.31
CA ILE B 195 -15.17 -7.61 6.99
C ILE B 195 -15.47 -6.11 7.06
N GLY B 196 -14.48 -5.27 6.71
CA GLY B 196 -14.61 -3.80 6.63
C GLY B 196 -14.53 -3.12 8.00
N GLU B 197 -14.51 -1.77 8.02
CA GLU B 197 -14.39 -0.94 9.24
C GLU B 197 -15.78 -0.65 9.83
N TYR B 198 -15.84 -0.34 11.13
CA TYR B 198 -17.09 -0.25 11.95
C TYR B 198 -16.88 0.68 13.15
N THR B 199 -17.91 1.48 13.50
CA THR B 199 -17.97 2.29 14.75
C THR B 199 -19.25 1.92 15.52
N PHE B 200 -19.24 2.13 16.83
CA PHE B 200 -20.28 1.67 17.77
C PHE B 200 -20.73 2.83 18.67
N GLU B 201 -21.90 2.66 19.29
CA GLU B 201 -22.53 3.59 20.28
C GLU B 201 -23.56 2.81 21.11
N LYS B 202 -23.84 3.27 22.33
CA LYS B 202 -24.73 2.63 23.35
C LYS B 202 -26.16 2.59 22.83
N GLY B 203 -26.94 1.55 23.17
CA GLY B 203 -28.38 1.42 22.84
C GLY B 203 -29.24 1.51 24.10
N ALA B 208 -26.24 -3.80 25.29
CA ALA B 208 -26.47 -3.90 23.82
C ALA B 208 -25.95 -2.64 23.10
N VAL B 209 -25.34 -2.79 21.91
CA VAL B 209 -24.73 -1.64 21.18
C VAL B 209 -25.36 -1.51 19.78
N VAL B 210 -25.02 -0.40 19.12
CA VAL B 210 -25.59 0.04 17.81
C VAL B 210 -24.40 0.37 16.90
N TYR B 211 -24.23 -0.37 15.81
CA TYR B 211 -23.04 -0.30 14.91
C TYR B 211 -23.35 0.54 13.66
N ARG B 212 -22.34 1.26 13.16
CA ARG B 212 -22.40 2.04 11.88
C ARG B 212 -21.27 1.55 10.94
N GLY B 213 -21.60 0.63 10.03
CA GLY B 213 -20.61 -0.13 9.22
C GLY B 213 -20.19 0.58 7.94
N THR B 214 -18.86 0.73 7.74
CA THR B 214 -18.21 1.30 6.53
C THR B 214 -18.58 0.50 5.28
N THR B 215 -19.10 -0.73 5.46
CA THR B 215 -19.73 -1.55 4.41
C THR B 215 -21.02 -2.16 4.97
N THR B 216 -21.88 -2.68 4.11
CA THR B 216 -23.20 -3.28 4.47
C THR B 216 -23.05 -4.82 4.49
N TYR B 217 -22.96 -5.39 5.70
CA TYR B 217 -22.81 -6.85 5.94
C TYR B 217 -23.98 -7.36 6.77
N LYS B 218 -24.55 -8.50 6.36
CA LYS B 218 -25.49 -9.30 7.20
C LYS B 218 -24.63 -10.01 8.26
N LEU B 219 -23.89 -9.23 9.06
CA LEU B 219 -22.83 -9.74 9.96
C LEU B 219 -23.46 -10.67 10.99
N ASN B 220 -22.80 -11.81 11.21
CA ASN B 220 -23.32 -13.00 11.95
C ASN B 220 -22.54 -13.12 13.25
N VAL B 221 -23.10 -13.85 14.22
CA VAL B 221 -22.50 -14.16 15.55
C VAL B 221 -21.04 -14.61 15.34
N GLY B 222 -20.19 -14.37 16.34
CA GLY B 222 -18.81 -14.87 16.39
C GLY B 222 -17.83 -13.99 15.62
N ASP B 223 -18.32 -13.02 14.84
CA ASP B 223 -17.46 -11.99 14.21
C ASP B 223 -16.94 -11.08 15.33
N TYR B 224 -15.70 -10.62 15.23
CA TYR B 224 -15.04 -9.84 16.29
C TYR B 224 -14.52 -8.53 15.71
N PHE B 225 -14.09 -7.61 16.59
CA PHE B 225 -13.83 -6.18 16.27
C PHE B 225 -12.59 -5.69 17.03
N VAL B 226 -11.59 -5.26 16.29
CA VAL B 226 -10.29 -4.73 16.83
C VAL B 226 -10.02 -3.39 16.15
N LEU B 227 -9.39 -2.49 16.88
CA LEU B 227 -9.02 -1.15 16.38
C LEU B 227 -7.80 -1.30 15.50
N THR B 228 -7.90 -0.90 14.23
CA THR B 228 -6.83 -1.11 13.22
C THR B 228 -5.61 -0.31 13.70
N SER B 229 -4.56 -1.03 14.07
CA SER B 229 -3.25 -0.53 14.59
C SER B 229 -2.18 -0.72 13.51
N HIS B 230 -1.59 0.37 12.99
CA HIS B 230 -0.64 0.35 11.84
C HIS B 230 0.81 0.54 12.29
N THR B 231 1.75 0.00 11.51
CA THR B 231 3.23 0.11 11.69
C THR B 231 3.66 1.57 11.51
N VAL B 232 4.33 2.17 12.50
CA VAL B 232 4.79 3.59 12.47
C VAL B 232 6.18 3.61 11.84
N MET B 233 6.31 4.19 10.65
CA MET B 233 7.63 4.30 9.96
C MET B 233 8.44 5.39 10.63
N PRO B 234 9.78 5.40 10.49
CA PRO B 234 10.62 6.44 11.07
C PRO B 234 10.70 7.64 10.14
N LEU B 235 10.94 8.81 10.74
CA LEU B 235 10.80 10.14 10.12
C LEU B 235 12.20 10.58 9.76
N SER B 236 12.40 11.09 8.54
CA SER B 236 13.71 11.59 8.08
C SER B 236 13.66 13.12 7.98
N ALA B 237 12.63 13.66 7.31
CA ALA B 237 12.52 15.08 6.93
C ALA B 237 11.98 15.92 8.09
N PRO B 238 12.38 17.21 8.19
CA PRO B 238 11.92 18.08 9.28
C PRO B 238 10.43 18.38 9.15
N THR B 239 9.80 18.91 10.19
CA THR B 239 8.35 19.27 10.21
C THR B 239 8.11 20.51 9.33
N LEU B 240 9.09 21.42 9.34
CA LEU B 240 9.21 22.60 8.44
C LEU B 240 10.59 22.60 7.79
N VAL B 241 10.63 22.85 6.50
CA VAL B 241 11.89 23.13 5.75
C VAL B 241 12.38 24.48 6.23
N PRO B 242 13.67 24.80 6.08
CA PRO B 242 14.16 26.10 6.51
C PRO B 242 13.51 27.16 5.61
N GLN B 243 12.99 28.21 6.25
CA GLN B 243 12.30 29.32 5.55
C GLN B 243 13.27 30.04 4.61
N GLU B 244 12.75 30.52 3.48
CA GLU B 244 13.48 31.35 2.50
C GLU B 244 12.53 32.48 2.06
N HIS B 245 12.87 33.73 2.30
CA HIS B 245 12.17 34.92 1.73
C HIS B 245 12.87 35.35 0.43
N TYR B 246 12.09 35.74 -0.57
CA TYR B 246 12.59 36.09 -1.93
C TYR B 246 12.24 37.55 -2.20
N VAL B 247 12.89 38.07 -3.22
CA VAL B 247 12.83 39.49 -3.67
C VAL B 247 11.74 39.56 -4.76
N ARG B 248 11.56 38.47 -5.51
CA ARG B 248 10.56 38.29 -6.59
C ARG B 248 9.78 37.00 -6.33
N ILE B 249 8.64 36.84 -7.01
CA ILE B 249 7.91 35.54 -7.10
C ILE B 249 8.87 34.58 -7.80
N THR B 250 9.05 33.37 -7.25
CA THR B 250 10.07 32.37 -7.65
C THR B 250 9.39 31.12 -8.21
N GLY B 251 9.66 30.80 -9.48
CA GLY B 251 9.30 29.52 -10.12
C GLY B 251 7.80 29.38 -10.42
N LEU B 252 7.07 30.47 -10.26
CA LEU B 252 5.62 30.54 -10.52
C LEU B 252 5.40 31.69 -11.49
N TYR B 253 4.38 31.57 -12.36
CA TYR B 253 4.11 32.52 -13.47
C TYR B 253 2.67 33.01 -13.38
N PRO B 254 2.46 34.18 -12.73
CA PRO B 254 1.13 34.68 -12.43
C PRO B 254 0.36 35.01 -13.72
N THR B 255 -0.95 34.79 -13.64
CA THR B 255 -1.87 35.00 -14.78
C THR B 255 -2.03 36.50 -15.02
N LEU B 256 -2.37 36.86 -16.26
CA LEU B 256 -2.63 38.27 -16.62
C LEU B 256 -4.10 38.63 -16.32
N ASN B 257 -5.03 37.70 -16.58
CA ASN B 257 -6.50 37.88 -16.37
C ASN B 257 -6.97 36.93 -15.27
N ILE B 258 -7.46 37.47 -14.15
CA ILE B 258 -8.07 36.70 -13.03
C ILE B 258 -9.57 37.05 -12.89
N SER B 259 -10.42 36.06 -12.65
CA SER B 259 -11.81 36.23 -12.18
C SER B 259 -11.82 37.17 -10.98
N ASP B 260 -12.83 38.02 -10.86
CA ASP B 260 -13.04 38.87 -9.65
C ASP B 260 -13.47 38.00 -8.47
N GLU B 261 -13.68 36.70 -8.67
CA GLU B 261 -13.96 35.75 -7.56
C GLU B 261 -12.69 35.48 -6.73
N PHE B 262 -11.51 35.74 -7.28
CA PHE B 262 -10.20 35.42 -6.67
C PHE B 262 -9.33 36.66 -6.50
N SER B 263 -9.81 37.85 -6.91
CA SER B 263 -9.06 39.12 -6.88
C SER B 263 -8.71 39.52 -5.43
N SER B 264 -9.50 39.09 -4.46
CA SER B 264 -9.26 39.36 -3.02
C SER B 264 -7.99 38.65 -2.54
N ASN B 265 -7.49 37.65 -3.27
CA ASN B 265 -6.34 36.82 -2.82
C ASN B 265 -5.09 37.06 -3.69
N VAL B 266 -5.12 38.00 -4.65
CA VAL B 266 -3.96 38.24 -5.55
C VAL B 266 -2.75 38.70 -4.70
N ALA B 267 -2.94 39.56 -3.70
CA ALA B 267 -1.84 39.97 -2.78
C ALA B 267 -1.36 38.73 -2.02
N ASN B 268 -2.26 37.90 -1.50
CA ASN B 268 -1.85 36.70 -0.71
C ASN B 268 -1.08 35.71 -1.63
N TYR B 269 -1.61 35.42 -2.81
CA TYR B 269 -1.03 34.46 -3.79
C TYR B 269 0.39 34.89 -4.17
N GLN B 270 0.68 36.19 -4.06
CA GLN B 270 1.97 36.81 -4.49
C GLN B 270 2.98 36.58 -3.37
N LYS B 271 2.56 36.85 -2.13
CA LYS B 271 3.30 36.43 -0.90
C LYS B 271 3.66 34.94 -1.03
N VAL B 272 2.76 34.10 -1.53
CA VAL B 272 3.00 32.64 -1.61
C VAL B 272 4.22 32.40 -2.49
N GLY B 273 4.37 33.17 -3.56
CA GLY B 273 5.46 32.97 -4.54
C GLY B 273 6.76 33.58 -4.07
N MET B 274 6.71 34.38 -3.00
CA MET B 274 7.83 35.19 -2.49
C MET B 274 8.38 34.67 -1.15
N GLN B 275 8.13 33.40 -0.84
CA GLN B 275 8.79 32.71 0.29
C GLN B 275 8.60 31.19 0.15
N LYS B 276 9.44 30.41 0.81
CA LYS B 276 9.45 28.95 0.61
C LYS B 276 8.14 28.37 1.12
N TYR B 277 7.71 28.79 2.30
CA TYR B 277 6.44 28.31 2.88
C TYR B 277 5.74 29.48 3.53
N SER B 278 4.41 29.43 3.50
CA SER B 278 3.53 30.48 4.04
C SER B 278 2.35 29.83 4.76
N THR B 279 1.84 30.55 5.74
CA THR B 279 0.78 30.13 6.68
C THR B 279 -0.45 30.99 6.39
N LEU B 280 -1.58 30.34 6.10
CA LEU B 280 -2.89 31.04 5.92
C LEU B 280 -3.83 30.62 7.04
N GLN B 281 -4.12 31.53 7.97
CA GLN B 281 -5.20 31.31 8.97
C GLN B 281 -6.52 31.67 8.28
N GLY B 282 -7.39 30.68 8.10
CA GLY B 282 -8.76 30.91 7.61
C GLY B 282 -9.78 30.56 8.69
N PRO B 283 -10.31 31.57 9.40
CA PRO B 283 -11.45 31.35 10.30
C PRO B 283 -12.63 30.64 9.64
N PRO B 284 -13.67 30.22 10.41
CA PRO B 284 -14.83 29.57 9.82
C PRO B 284 -15.43 30.39 8.67
N GLY B 285 -15.53 29.80 7.47
CA GLY B 285 -16.29 30.35 6.33
C GLY B 285 -15.64 31.61 5.74
N THR B 286 -14.32 31.70 5.74
CA THR B 286 -13.58 32.88 5.23
C THR B 286 -13.03 32.56 3.83
N GLY B 287 -13.11 31.31 3.37
CA GLY B 287 -12.80 30.94 1.98
C GLY B 287 -11.46 30.23 1.81
N LYS B 288 -11.19 29.22 2.63
CA LYS B 288 -9.91 28.50 2.60
C LYS B 288 -9.80 27.71 1.29
N SER B 289 -10.83 26.93 0.95
CA SER B 289 -10.87 26.05 -0.24
C SER B 289 -10.83 26.96 -1.46
N HIS B 290 -11.50 28.11 -1.36
CA HIS B 290 -11.60 29.10 -2.46
C HIS B 290 -10.17 29.61 -2.74
N PHE B 291 -9.48 30.04 -1.67
CA PHE B 291 -8.05 30.43 -1.68
C PHE B 291 -7.21 29.34 -2.32
N ALA B 292 -7.29 28.13 -1.81
CA ALA B 292 -6.47 26.98 -2.25
C ALA B 292 -6.67 26.76 -3.75
N ILE B 293 -7.90 26.74 -4.27
CA ILE B 293 -8.15 26.35 -5.68
C ILE B 293 -7.76 27.53 -6.57
N GLY B 294 -8.01 28.75 -6.12
CA GLY B 294 -7.69 29.97 -6.88
C GLY B 294 -6.19 30.13 -7.10
N LEU B 295 -5.39 29.65 -6.16
CA LEU B 295 -3.91 29.64 -6.27
C LEU B 295 -3.51 28.95 -7.59
N ALA B 296 -4.27 27.97 -8.07
CA ALA B 296 -4.02 27.27 -9.36
C ALA B 296 -4.35 28.21 -10.52
N LEU B 297 -5.45 28.94 -10.38
CA LEU B 297 -5.91 29.88 -11.42
C LEU B 297 -4.93 31.04 -11.50
N TYR B 298 -4.38 31.46 -10.36
CA TYR B 298 -3.42 32.59 -10.32
C TYR B 298 -2.08 32.14 -10.93
N TYR B 299 -1.60 30.93 -10.62
CA TYR B 299 -0.35 30.37 -11.19
C TYR B 299 -0.71 29.22 -12.14
N PRO B 300 -1.27 29.50 -13.33
CA PRO B 300 -1.94 28.48 -14.14
C PRO B 300 -1.04 27.34 -14.64
N SER B 301 0.25 27.57 -14.83
CA SER B 301 1.22 26.55 -15.30
C SER B 301 1.66 25.66 -14.12
N ALA B 302 1.60 26.20 -12.89
CA ALA B 302 2.12 25.57 -11.64
C ALA B 302 1.50 24.19 -11.40
N ARG B 303 2.35 23.21 -11.07
CA ARG B 303 1.91 21.87 -10.60
C ARG B 303 1.61 21.96 -9.10
N ILE B 304 0.40 21.63 -8.68
CA ILE B 304 0.00 21.74 -7.25
C ILE B 304 -0.46 20.37 -6.78
N VAL B 305 0.17 19.91 -5.70
CA VAL B 305 -0.30 18.77 -4.88
C VAL B 305 -1.05 19.35 -3.70
N TYR B 306 -2.35 19.02 -3.60
CA TYR B 306 -3.30 19.38 -2.52
C TYR B 306 -3.34 18.20 -1.55
N THR B 307 -2.98 18.45 -0.30
CA THR B 307 -2.83 17.37 0.69
C THR B 307 -3.57 17.80 1.94
N ALA B 308 -4.04 16.81 2.70
CA ALA B 308 -4.62 16.97 4.05
C ALA B 308 -4.62 15.62 4.79
N CYS B 309 -4.91 15.62 6.08
CA CYS B 309 -4.84 14.37 6.86
C CYS B 309 -6.00 13.48 6.45
N SER B 310 -7.20 14.04 6.33
CA SER B 310 -8.46 13.29 6.10
C SER B 310 -8.81 13.19 4.63
N HIS B 311 -9.38 12.06 4.25
CA HIS B 311 -10.09 11.90 2.96
C HIS B 311 -11.11 13.04 2.82
N ALA B 312 -11.91 13.35 3.86
CA ALA B 312 -12.94 14.42 3.80
C ALA B 312 -12.28 15.73 3.32
N ALA B 313 -11.24 16.19 4.02
CA ALA B 313 -10.53 17.46 3.73
C ALA B 313 -10.03 17.46 2.29
N VAL B 314 -9.50 16.34 1.83
CA VAL B 314 -8.96 16.24 0.44
C VAL B 314 -10.12 16.28 -0.56
N ASP B 315 -11.19 15.54 -0.27
CA ASP B 315 -12.42 15.49 -1.11
C ASP B 315 -13.02 16.89 -1.27
N ALA B 316 -13.13 17.64 -0.16
CA ALA B 316 -13.60 19.03 -0.14
C ALA B 316 -12.75 19.90 -1.09
N LEU B 317 -11.43 19.73 -1.10
CA LEU B 317 -10.58 20.47 -2.08
C LEU B 317 -10.91 20.00 -3.50
N CYS B 318 -11.18 18.72 -3.72
CA CYS B 318 -11.62 18.16 -5.04
C CYS B 318 -12.99 18.74 -5.45
N GLU B 319 -13.92 18.95 -4.53
CA GLU B 319 -15.25 19.49 -4.92
C GLU B 319 -15.03 20.89 -5.48
N LYS B 320 -14.21 21.71 -4.81
CA LYS B 320 -13.86 23.08 -5.30
C LYS B 320 -13.08 22.95 -6.63
N ALA B 321 -12.09 22.08 -6.71
CA ALA B 321 -11.29 21.92 -7.95
C ALA B 321 -12.24 21.58 -9.12
N LEU B 322 -13.22 20.73 -8.87
CA LEU B 322 -14.18 20.22 -9.87
C LEU B 322 -14.92 21.41 -10.49
N LYS B 323 -15.21 22.43 -9.70
CA LYS B 323 -16.00 23.64 -10.07
C LYS B 323 -15.13 24.64 -10.83
N TYR B 324 -13.82 24.68 -10.64
CA TYR B 324 -13.00 25.81 -11.16
C TYR B 324 -11.83 25.37 -12.05
N LEU B 325 -11.36 24.12 -11.95
CA LEU B 325 -10.12 23.63 -12.58
C LEU B 325 -10.44 22.58 -13.65
N PRO B 326 -9.68 22.51 -14.75
CA PRO B 326 -9.86 21.48 -15.76
C PRO B 326 -9.76 20.06 -15.18
N ILE B 327 -10.86 19.30 -15.19
CA ILE B 327 -10.99 17.93 -14.60
C ILE B 327 -9.90 16.99 -15.18
N ASP B 328 -9.55 17.12 -16.46
CA ASP B 328 -8.53 16.25 -17.10
C ASP B 328 -7.12 16.56 -16.53
N LYS B 329 -6.93 17.70 -15.84
CA LYS B 329 -5.61 18.07 -15.23
C LYS B 329 -5.57 17.67 -13.75
N CYS B 330 -6.66 17.08 -13.24
CA CYS B 330 -6.84 16.62 -11.85
C CYS B 330 -6.66 15.10 -11.75
N SER B 331 -6.12 14.63 -10.64
CA SER B 331 -6.06 13.21 -10.24
C SER B 331 -6.25 13.12 -8.73
N ARG B 332 -7.06 12.14 -8.29
CA ARG B 332 -7.25 11.81 -6.86
C ARG B 332 -6.43 10.54 -6.60
N ILE B 333 -5.41 10.64 -5.73
CA ILE B 333 -4.56 9.48 -5.33
C ILE B 333 -5.26 8.74 -4.19
N ILE B 334 -5.54 7.46 -4.41
CA ILE B 334 -6.24 6.55 -3.46
C ILE B 334 -5.34 5.33 -3.28
N PRO B 335 -5.01 4.99 -2.02
CA PRO B 335 -4.28 3.74 -1.72
C PRO B 335 -5.24 2.55 -1.67
N ALA B 336 -4.87 1.41 -2.28
CA ALA B 336 -5.63 0.12 -2.26
C ALA B 336 -5.58 -0.44 -0.84
N VAL B 340 -12.99 2.57 2.40
CA VAL B 340 -13.47 3.95 2.75
C VAL B 340 -13.61 4.78 1.45
N GLU B 341 -14.86 5.16 1.14
CA GLU B 341 -15.26 5.69 -0.19
C GLU B 341 -15.06 7.19 -0.26
N CYS B 342 -14.30 7.66 -1.26
CA CYS B 342 -13.92 9.07 -1.43
C CYS B 342 -14.06 9.51 -2.90
N PHE B 343 -13.81 10.78 -3.18
CA PHE B 343 -13.92 11.45 -4.50
C PHE B 343 -13.59 10.52 -5.67
N ASP B 344 -14.51 10.40 -6.65
CA ASP B 344 -14.40 9.46 -7.79
C ASP B 344 -14.65 10.16 -9.13
N LYS B 345 -14.39 11.46 -9.24
CA LYS B 345 -14.67 12.21 -10.49
C LYS B 345 -13.37 12.49 -11.27
N PHE B 346 -12.20 12.35 -10.64
CA PHE B 346 -10.88 12.56 -11.26
C PHE B 346 -10.31 11.21 -11.62
N LYS B 347 -9.43 11.12 -12.63
CA LYS B 347 -8.69 9.85 -12.94
C LYS B 347 -7.86 9.46 -11.69
N VAL B 348 -7.98 8.20 -11.24
CA VAL B 348 -7.42 7.75 -9.93
C VAL B 348 -5.93 7.40 -10.10
N ASN B 349 -5.11 7.86 -9.16
CA ASN B 349 -3.69 7.44 -8.96
C ASN B 349 -2.84 7.80 -10.18
N SER B 350 -3.11 8.91 -10.86
CA SER B 350 -2.21 9.47 -11.89
C SER B 350 -1.32 10.53 -11.24
N THR B 351 -0.22 10.10 -10.65
CA THR B 351 0.70 10.95 -9.88
C THR B 351 1.34 12.02 -10.79
N LEU B 352 1.30 11.87 -12.12
CA LEU B 352 1.95 12.85 -13.06
C LEU B 352 0.98 13.98 -13.47
N GLU B 353 -0.28 13.94 -13.05
CA GLU B 353 -1.28 15.00 -13.33
C GLU B 353 -0.81 16.33 -12.72
N GLN B 354 -1.13 17.47 -13.36
CA GLN B 354 -0.76 18.83 -12.87
C GLN B 354 -1.34 19.04 -11.48
N TYR B 355 -2.57 18.58 -11.23
CA TYR B 355 -3.26 18.83 -9.95
C TYR B 355 -3.49 17.48 -9.27
N VAL B 356 -2.73 17.19 -8.21
CA VAL B 356 -2.79 15.89 -7.49
C VAL B 356 -3.45 16.10 -6.13
N PHE B 357 -4.48 15.33 -5.82
CA PHE B 357 -5.28 15.48 -4.57
C PHE B 357 -5.13 14.18 -3.79
N CYS B 358 -4.57 14.26 -2.59
CA CYS B 358 -4.06 13.06 -1.90
C CYS B 358 -3.87 13.34 -0.40
N THR B 359 -4.40 12.45 0.43
CA THR B 359 -4.20 12.39 1.90
C THR B 359 -2.70 12.25 2.18
N VAL B 360 -2.22 12.81 3.29
CA VAL B 360 -0.77 12.72 3.67
C VAL B 360 -0.27 11.26 3.61
N ASN B 361 -1.00 10.31 4.21
CA ASN B 361 -0.52 8.91 4.41
C ASN B 361 -0.40 8.20 3.05
N ALA B 362 -1.08 8.63 2.00
CA ALA B 362 -1.08 7.98 0.68
C ALA B 362 -0.12 8.69 -0.30
N LEU B 363 0.63 9.71 0.14
CA LEU B 363 1.36 10.60 -0.80
C LEU B 363 2.43 9.80 -1.55
N PRO B 364 2.61 10.02 -2.86
CA PRO B 364 3.77 9.48 -3.56
C PRO B 364 5.01 10.37 -3.35
N GLU B 365 6.16 9.80 -3.66
CA GLU B 365 7.45 10.52 -3.74
C GLU B 365 7.38 11.26 -5.09
N THR B 366 7.29 12.58 -5.05
CA THR B 366 7.19 13.46 -6.25
C THR B 366 7.59 14.88 -5.86
N THR B 367 7.79 15.75 -6.85
CA THR B 367 8.02 17.20 -6.67
C THR B 367 6.78 17.96 -7.11
N ALA B 368 6.75 19.28 -6.90
CA ALA B 368 5.60 20.15 -7.25
C ALA B 368 6.06 21.60 -7.27
N ASP B 369 5.34 22.45 -7.98
CA ASP B 369 5.59 23.91 -7.97
C ASP B 369 5.06 24.43 -6.64
N ILE B 370 3.85 24.01 -6.25
CA ILE B 370 3.28 24.36 -4.93
C ILE B 370 2.75 23.09 -4.25
N VAL B 371 2.84 23.04 -2.93
CA VAL B 371 2.15 22.02 -2.10
C VAL B 371 1.22 22.78 -1.18
N VAL B 372 -0.08 22.51 -1.29
CA VAL B 372 -1.11 23.09 -0.40
C VAL B 372 -1.46 21.98 0.60
N PHE B 373 -1.20 22.22 1.87
CA PHE B 373 -1.56 21.34 3.01
C PHE B 373 -2.69 22.07 3.74
N ASP B 374 -3.89 21.52 3.63
CA ASP B 374 -5.12 22.12 4.18
C ASP B 374 -5.42 21.46 5.52
N GLU B 375 -6.28 22.11 6.31
CA GLU B 375 -6.78 21.70 7.65
C GLU B 375 -5.58 21.41 8.55
N ILE B 376 -4.70 22.40 8.70
CA ILE B 376 -3.36 22.26 9.35
C ILE B 376 -3.52 22.03 10.86
N SER B 377 -4.57 22.53 11.52
CA SER B 377 -4.78 22.31 12.97
C SER B 377 -4.92 20.80 13.25
N MET B 378 -5.41 20.02 12.27
CA MET B 378 -5.63 18.56 12.44
C MET B 378 -4.33 17.75 12.24
N ALA B 379 -3.29 18.34 11.64
CA ALA B 379 -2.00 17.67 11.37
C ALA B 379 -1.18 17.57 12.65
N THR B 380 -0.45 16.49 12.77
CA THR B 380 0.59 16.25 13.82
C THR B 380 1.95 16.54 13.19
N ASN B 381 2.97 16.60 14.03
CA ASN B 381 4.37 16.78 13.59
C ASN B 381 4.73 15.58 12.74
N TYR B 382 4.18 14.42 13.07
CA TYR B 382 4.40 13.22 12.24
C TYR B 382 4.01 13.54 10.78
N ASP B 383 2.80 14.09 10.58
CA ASP B 383 2.23 14.41 9.24
C ASP B 383 3.12 15.45 8.56
N LEU B 384 3.47 16.50 9.29
CA LEU B 384 4.29 17.62 8.77
C LEU B 384 5.58 17.06 8.16
N SER B 385 6.19 16.07 8.81
CA SER B 385 7.49 15.47 8.37
C SER B 385 7.28 14.58 7.15
N VAL B 386 6.22 13.79 7.16
CA VAL B 386 5.91 12.83 6.05
C VAL B 386 5.79 13.65 4.77
N VAL B 387 5.15 14.82 4.85
CA VAL B 387 4.86 15.64 3.65
C VAL B 387 6.20 16.13 3.09
N ASN B 388 7.09 16.56 3.98
CA ASN B 388 8.40 17.15 3.56
C ASN B 388 9.30 16.06 2.96
N ALA B 389 9.07 14.79 3.31
CA ALA B 389 9.85 13.61 2.86
C ALA B 389 9.33 13.10 1.53
N ARG B 390 8.01 13.13 1.34
CA ARG B 390 7.37 12.62 0.12
C ARG B 390 7.44 13.71 -0.97
N LEU B 391 7.23 14.99 -0.63
CA LEU B 391 7.03 16.10 -1.59
C LEU B 391 8.13 17.16 -1.46
N ARG B 392 8.98 17.26 -2.48
CA ARG B 392 10.00 18.33 -2.61
C ARG B 392 9.41 19.41 -3.54
N ALA B 393 9.17 20.63 -3.04
CA ALA B 393 8.39 21.67 -3.75
C ALA B 393 9.06 23.05 -3.67
N LYS B 394 8.92 23.86 -4.72
CA LYS B 394 9.32 25.28 -4.72
C LYS B 394 8.61 26.01 -3.56
N HIS B 395 7.32 25.81 -3.35
CA HIS B 395 6.52 26.52 -2.32
C HIS B 395 5.60 25.56 -1.58
N TYR B 396 5.34 25.87 -0.31
CA TYR B 396 4.52 25.07 0.63
C TYR B 396 3.54 26.05 1.25
N VAL B 397 2.24 25.83 1.10
CA VAL B 397 1.19 26.67 1.75
C VAL B 397 0.44 25.80 2.77
N TYR B 398 0.40 26.25 4.03
CA TYR B 398 -0.24 25.59 5.18
C TYR B 398 -1.50 26.38 5.52
N ILE B 399 -2.65 25.86 5.13
CA ILE B 399 -3.98 26.50 5.33
C ILE B 399 -4.70 25.81 6.50
N GLY B 400 -5.27 26.57 7.41
CA GLY B 400 -6.05 26.04 8.55
C GLY B 400 -6.37 27.15 9.54
N ASP B 401 -6.58 26.79 10.80
CA ASP B 401 -7.01 27.74 11.85
C ASP B 401 -6.58 27.20 13.20
N PRO B 402 -5.53 27.74 13.83
CA PRO B 402 -5.12 27.29 15.16
C PRO B 402 -6.22 27.47 16.23
N ALA B 403 -7.34 28.09 15.85
CA ALA B 403 -8.48 28.38 16.75
C ALA B 403 -9.53 27.29 16.61
N GLN B 404 -9.33 26.36 15.69
CA GLN B 404 -10.23 25.19 15.48
C GLN B 404 -9.57 23.92 16.06
N LEU B 405 -10.14 22.76 15.81
CA LEU B 405 -9.86 21.58 16.68
C LEU B 405 -8.60 20.89 16.17
N PRO B 406 -7.74 20.42 17.09
CA PRO B 406 -6.55 19.67 16.73
C PRO B 406 -6.87 18.19 16.50
N ALA B 407 -5.94 17.42 15.93
CA ALA B 407 -6.00 15.93 15.91
C ALA B 407 -6.28 15.44 17.33
N PRO B 408 -7.12 14.41 17.53
CA PRO B 408 -7.32 13.88 18.87
C PRO B 408 -5.99 13.27 19.35
N ARG B 409 -5.60 13.59 20.58
CA ARG B 409 -4.45 12.99 21.31
C ARG B 409 -5.04 11.93 22.26
N THR B 410 -5.23 10.71 21.75
CA THR B 410 -6.01 9.64 22.44
C THR B 410 -5.34 9.27 23.77
N LEU B 411 -4.06 9.58 23.96
CA LEU B 411 -3.31 9.24 25.20
C LEU B 411 -3.40 10.37 26.24
N LEU B 412 -3.78 11.58 25.84
CA LEU B 412 -3.63 12.80 26.68
C LEU B 412 -4.87 12.94 27.55
N THR B 413 -4.70 12.86 28.87
CA THR B 413 -5.82 12.90 29.86
C THR B 413 -5.57 14.01 30.90
N LYS B 414 -4.35 14.53 31.00
CA LYS B 414 -3.98 15.49 32.08
C LYS B 414 -3.49 16.77 31.41
N GLY B 415 -4.19 17.87 31.69
CA GLY B 415 -3.89 19.18 31.08
C GLY B 415 -4.63 19.32 29.78
N THR B 416 -4.53 20.50 29.19
CA THR B 416 -5.20 20.91 27.93
C THR B 416 -4.09 21.32 26.97
N LEU B 417 -4.14 20.91 25.71
CA LEU B 417 -3.10 21.25 24.71
C LEU B 417 -3.40 22.61 24.09
N GLU B 418 -2.58 23.63 24.31
CA GLU B 418 -2.80 24.97 23.69
C GLU B 418 -2.49 24.92 22.19
N PRO B 419 -3.14 25.76 21.38
CA PRO B 419 -2.92 25.77 19.92
C PRO B 419 -1.45 25.95 19.45
N GLU B 420 -0.65 26.71 20.20
CA GLU B 420 0.78 26.92 19.87
C GLU B 420 1.54 25.59 19.88
N TYR B 421 0.94 24.49 20.35
CA TYR B 421 1.60 23.18 20.57
C TYR B 421 0.97 22.08 19.70
N PHE B 422 -0.01 22.39 18.83
CA PHE B 422 -0.73 21.38 18.00
C PHE B 422 0.24 20.80 16.98
N ASN B 423 0.98 21.66 16.30
CA ASN B 423 2.10 21.22 15.43
C ASN B 423 3.04 22.40 15.25
N SER B 424 4.13 22.19 14.51
CA SER B 424 5.13 23.25 14.18
C SER B 424 4.41 24.44 13.55
N VAL B 425 3.47 24.19 12.62
CA VAL B 425 2.83 25.27 11.83
C VAL B 425 1.95 26.09 12.77
N CYS B 426 1.22 25.46 13.67
CA CYS B 426 0.34 26.24 14.59
C CYS B 426 1.22 26.99 15.56
N ARG B 427 2.34 26.37 15.95
CA ARG B 427 3.33 27.05 16.81
C ARG B 427 3.70 28.38 16.14
N LEU B 428 4.20 28.35 14.90
CA LEU B 428 4.49 29.60 14.14
C LEU B 428 3.30 30.56 14.17
N MET B 429 2.10 30.15 13.74
CA MET B 429 0.93 31.05 13.60
C MET B 429 0.55 31.66 14.95
N LYS B 430 0.90 31.04 16.06
CA LYS B 430 0.50 31.53 17.41
C LYS B 430 1.59 32.41 18.03
N THR B 431 2.84 32.30 17.56
CA THR B 431 4.00 33.05 18.12
C THR B 431 4.37 34.20 17.17
N ILE B 432 4.61 33.96 15.88
CA ILE B 432 5.00 35.03 14.89
C ILE B 432 3.79 35.41 14.05
N GLY B 433 2.61 34.87 14.37
CA GLY B 433 1.37 35.13 13.60
C GLY B 433 1.40 34.49 12.22
N PRO B 434 0.23 34.39 11.55
CA PRO B 434 0.19 33.81 10.22
C PRO B 434 0.65 34.76 9.11
N ASP B 435 1.17 34.21 8.02
CA ASP B 435 1.60 35.05 6.87
C ASP B 435 0.38 35.72 6.27
N MET B 436 -0.75 35.01 6.25
CA MET B 436 -1.97 35.47 5.58
C MET B 436 -3.17 35.14 6.46
N PHE B 437 -4.18 35.99 6.40
CA PHE B 437 -5.40 35.91 7.23
C PHE B 437 -6.62 36.22 6.34
N LEU B 438 -7.57 35.29 6.25
CA LEU B 438 -8.91 35.52 5.63
C LEU B 438 -9.79 36.12 6.73
N GLY B 439 -10.01 37.44 6.68
CA GLY B 439 -10.56 38.23 7.80
C GLY B 439 -12.04 38.52 7.67
N THR B 440 -12.72 37.98 6.64
CA THR B 440 -14.18 38.20 6.47
C THR B 440 -14.94 36.86 6.44
N CYS B 441 -15.66 36.60 7.51
CA CYS B 441 -16.57 35.43 7.64
C CYS B 441 -17.86 35.71 6.86
N ARG B 442 -18.22 34.82 5.93
CA ARG B 442 -19.38 34.98 5.00
C ARG B 442 -20.47 33.98 5.36
N ARG B 443 -20.27 33.17 6.39
CA ARG B 443 -21.23 32.11 6.78
C ARG B 443 -22.16 32.63 7.88
N CYS B 444 -21.60 33.22 8.92
CA CYS B 444 -22.23 33.31 10.26
C CYS B 444 -22.95 34.65 10.44
N PRO B 445 -24.06 34.66 11.20
CA PRO B 445 -24.64 35.89 11.72
C PRO B 445 -23.56 36.74 12.42
N ALA B 446 -23.67 38.06 12.39
CA ALA B 446 -22.72 39.00 13.02
C ALA B 446 -22.55 38.70 14.52
N GLU B 447 -23.62 38.29 15.23
CA GLU B 447 -23.56 38.01 16.69
C GLU B 447 -22.53 36.91 16.96
N ILE B 448 -22.51 35.88 16.11
CA ILE B 448 -21.56 34.73 16.19
C ILE B 448 -20.17 35.24 15.79
N VAL B 449 -20.06 35.98 14.70
CA VAL B 449 -18.74 36.47 14.20
C VAL B 449 -18.14 37.34 15.31
N ASP B 450 -18.95 38.15 15.97
CA ASP B 450 -18.44 39.14 16.95
C ASP B 450 -17.91 38.38 18.17
N THR B 451 -18.57 37.28 18.52
CA THR B 451 -18.29 36.47 19.71
C THR B 451 -16.94 35.79 19.50
N VAL B 452 -16.76 35.11 18.38
CA VAL B 452 -15.53 34.31 18.16
C VAL B 452 -14.40 35.26 17.78
N SER B 453 -14.69 36.33 17.06
CA SER B 453 -13.69 37.37 16.76
C SER B 453 -12.95 37.71 18.05
N ALA B 454 -13.68 38.07 19.11
CA ALA B 454 -13.09 38.51 20.41
C ALA B 454 -12.49 37.30 21.10
N LEU B 455 -13.14 36.15 20.95
CA LEU B 455 -12.81 34.96 21.76
C LEU B 455 -11.47 34.41 21.32
N VAL B 456 -11.23 34.31 20.02
CA VAL B 456 -10.05 33.53 19.51
C VAL B 456 -9.24 34.27 18.43
N TYR B 457 -9.66 35.43 17.92
CA TYR B 457 -9.05 36.09 16.72
C TYR B 457 -8.59 37.51 17.01
N ASP B 458 -8.32 37.91 18.26
CA ASP B 458 -8.01 39.31 18.69
C ASP B 458 -8.80 40.33 17.86
N ASN B 459 -10.10 40.10 17.67
CA ASN B 459 -11.07 41.11 17.19
C ASN B 459 -10.78 41.44 15.74
N LYS B 460 -10.15 40.53 15.00
CA LYS B 460 -9.76 40.77 13.59
C LYS B 460 -10.69 40.02 12.64
N LEU B 461 -11.63 39.21 13.13
CA LEU B 461 -12.58 38.54 12.21
C LEU B 461 -13.82 39.43 12.07
N LYS B 462 -14.16 39.78 10.83
CA LYS B 462 -15.23 40.75 10.44
C LYS B 462 -16.42 39.98 9.87
N ALA B 463 -17.63 40.36 10.29
CA ALA B 463 -18.90 39.77 9.82
C ALA B 463 -19.22 40.30 8.42
N HIS B 464 -19.55 39.43 7.48
CA HIS B 464 -20.10 39.82 6.16
C HIS B 464 -21.62 39.95 6.29
N LYS B 465 -22.27 38.98 6.90
CA LYS B 465 -23.71 39.03 7.20
C LYS B 465 -23.97 40.12 8.26
N ASP B 466 -25.15 40.68 8.23
CA ASP B 466 -25.73 41.45 9.37
C ASP B 466 -26.10 40.47 10.50
N LYS B 467 -26.39 41.03 11.68
CA LYS B 467 -27.00 40.28 12.80
C LYS B 467 -28.25 39.57 12.25
N SER B 468 -28.47 38.32 12.65
CA SER B 468 -29.68 37.54 12.31
C SER B 468 -30.82 37.83 13.30
N ALA B 469 -30.48 38.30 14.50
CA ALA B 469 -31.40 38.41 15.66
C ALA B 469 -32.02 37.04 15.97
N GLN B 470 -31.36 35.95 15.56
CA GLN B 470 -31.81 34.56 15.82
C GLN B 470 -30.70 33.78 16.53
N CYS B 471 -29.91 34.48 17.34
CA CYS B 471 -28.83 33.90 18.17
C CYS B 471 -29.24 34.07 19.64
N PHE B 472 -29.45 32.96 20.34
CA PHE B 472 -29.93 32.95 21.74
C PHE B 472 -28.97 32.15 22.63
N LYS B 473 -28.91 32.53 23.90
CA LYS B 473 -28.12 31.84 24.95
C LYS B 473 -28.97 31.70 26.20
N MET B 474 -28.99 30.51 26.79
N MET B 474 -28.91 30.53 26.84
CA MET B 474 -29.62 30.29 28.11
CA MET B 474 -29.67 30.18 28.09
C MET B 474 -28.57 29.71 29.05
C MET B 474 -28.72 29.58 29.13
N PHE B 475 -28.51 30.25 30.27
CA PHE B 475 -27.71 29.71 31.37
C PHE B 475 -28.57 28.70 32.13
N TYR B 476 -28.18 27.43 32.08
CA TYR B 476 -28.92 26.27 32.64
C TYR B 476 -27.98 25.07 32.82
N LYS B 477 -27.62 24.79 34.08
CA LYS B 477 -26.63 23.73 34.45
C LYS B 477 -27.35 22.39 34.43
N GLY B 478 -28.63 22.39 34.77
CA GLY B 478 -29.47 21.20 34.64
C GLY B 478 -28.93 20.09 35.50
N VAL B 479 -28.81 18.88 34.97
CA VAL B 479 -28.34 17.69 35.74
C VAL B 479 -27.43 16.90 34.83
N ILE B 480 -26.17 16.71 35.26
CA ILE B 480 -25.16 15.93 34.51
C ILE B 480 -25.18 14.51 35.05
N THR B 481 -25.52 13.56 34.19
CA THR B 481 -25.33 12.11 34.43
C THR B 481 -24.12 11.69 33.60
N HIS B 482 -23.38 10.72 34.14
CA HIS B 482 -22.12 10.20 33.55
C HIS B 482 -22.41 8.76 33.18
N ASP B 483 -21.92 8.32 32.03
CA ASP B 483 -21.88 6.89 31.68
C ASP B 483 -20.40 6.54 31.41
N VAL B 484 -20.16 5.41 30.74
CA VAL B 484 -18.83 4.77 30.57
C VAL B 484 -17.77 5.80 30.16
N SER B 485 -18.01 6.63 29.12
CA SER B 485 -16.98 7.57 28.59
C SER B 485 -17.61 8.87 28.02
N SER B 486 -18.76 9.30 28.55
CA SER B 486 -19.52 10.47 28.04
C SER B 486 -20.40 11.09 29.14
N ALA B 487 -20.86 12.32 28.91
CA ALA B 487 -21.81 13.06 29.78
C ALA B 487 -23.17 13.21 29.08
N ILE B 488 -24.21 13.29 29.89
CA ILE B 488 -25.60 13.51 29.43
C ILE B 488 -26.21 14.58 30.33
N ASN B 489 -26.98 15.49 29.75
CA ASN B 489 -27.70 16.55 30.49
C ASN B 489 -29.13 16.58 29.94
N ARG B 490 -29.99 15.72 30.48
CA ARG B 490 -31.41 15.51 30.05
C ARG B 490 -32.19 16.81 30.25
N PRO B 491 -32.06 17.51 31.40
CA PRO B 491 -32.67 18.83 31.55
C PRO B 491 -32.28 19.85 30.45
N GLN B 492 -31.02 19.96 30.03
CA GLN B 492 -30.63 20.83 28.88
C GLN B 492 -31.34 20.43 27.57
N ILE B 493 -31.60 19.14 27.39
CA ILE B 493 -32.37 18.64 26.22
C ILE B 493 -33.84 18.95 26.47
N GLY B 494 -34.34 18.73 27.68
CA GLY B 494 -35.68 19.19 28.05
C GLY B 494 -35.88 20.64 27.69
N VAL B 495 -34.96 21.52 28.06
CA VAL B 495 -35.09 22.98 27.79
C VAL B 495 -35.21 23.18 26.27
N VAL B 496 -34.41 22.47 25.47
CA VAL B 496 -34.45 22.58 23.98
C VAL B 496 -35.85 22.16 23.52
N ARG B 497 -36.39 21.08 24.11
CA ARG B 497 -37.68 20.45 23.71
C ARG B 497 -38.78 21.49 23.85
N GLU B 498 -38.81 22.20 24.98
CA GLU B 498 -39.80 23.27 25.26
C GLU B 498 -39.56 24.43 24.29
N PHE B 499 -38.31 24.77 24.01
CA PHE B 499 -37.97 25.86 23.05
C PHE B 499 -38.51 25.53 21.65
N LEU B 500 -38.47 24.27 21.23
CA LEU B 500 -38.90 23.85 19.87
C LEU B 500 -40.43 23.88 19.80
N THR B 501 -41.16 23.48 20.88
CA THR B 501 -42.65 23.48 20.85
C THR B 501 -43.11 24.91 20.59
N ARG B 502 -42.36 25.91 21.04
CA ARG B 502 -42.65 27.35 20.86
C ARG B 502 -41.89 27.98 19.67
N ASN B 503 -41.02 27.24 18.95
CA ASN B 503 -40.14 27.78 17.88
C ASN B 503 -39.97 26.71 16.80
N PRO B 504 -41.09 26.20 16.25
CA PRO B 504 -41.05 25.18 15.21
C PRO B 504 -40.21 25.52 13.97
N ALA B 505 -39.93 26.79 13.64
CA ALA B 505 -38.96 27.16 12.58
C ALA B 505 -37.69 26.31 12.78
N TRP B 506 -37.31 26.12 14.05
CA TRP B 506 -36.03 25.51 14.52
C TRP B 506 -36.00 23.99 14.44
N ARG B 507 -37.04 23.35 13.92
CA ARG B 507 -37.08 21.88 13.73
C ARG B 507 -36.18 21.51 12.56
N LYS B 508 -35.72 22.45 11.75
CA LYS B 508 -34.72 22.12 10.71
C LYS B 508 -33.30 22.10 11.33
N ALA B 509 -33.14 22.54 12.59
CA ALA B 509 -31.86 22.69 13.31
C ALA B 509 -31.09 21.36 13.45
N VAL B 510 -29.76 21.47 13.40
CA VAL B 510 -28.81 20.40 13.79
C VAL B 510 -28.53 20.54 15.28
N PHE B 511 -28.53 19.41 16.00
CA PHE B 511 -28.21 19.35 17.45
C PHE B 511 -26.71 19.08 17.62
N ILE B 512 -26.00 19.99 18.30
CA ILE B 512 -24.53 19.84 18.55
C ILE B 512 -24.29 19.87 20.06
N SER B 513 -23.48 18.94 20.55
CA SER B 513 -22.97 18.92 21.94
C SER B 513 -21.56 18.37 21.94
N PRO B 514 -20.78 18.58 23.02
CA PRO B 514 -19.41 18.05 23.08
C PRO B 514 -19.32 16.56 23.36
N TYR B 515 -20.46 15.87 23.59
CA TYR B 515 -20.52 14.43 23.97
C TYR B 515 -21.46 13.64 23.08
N ASN B 516 -21.00 12.48 22.59
CA ASN B 516 -21.79 11.48 21.81
C ASN B 516 -23.00 10.97 22.63
N SER B 517 -22.90 10.72 23.95
CA SER B 517 -24.06 10.21 24.75
C SER B 517 -25.14 11.28 24.79
N GLN B 518 -24.76 12.54 25.05
CA GLN B 518 -25.73 13.65 24.99
C GLN B 518 -26.43 13.58 23.62
N ASN B 519 -25.66 13.54 22.54
CA ASN B 519 -26.18 13.56 21.16
C ASN B 519 -27.21 12.42 21.00
N ALA B 520 -26.94 11.22 21.52
CA ALA B 520 -27.76 9.99 21.32
C ALA B 520 -29.11 10.13 22.05
N VAL B 521 -29.08 10.65 23.28
CA VAL B 521 -30.29 10.97 24.08
C VAL B 521 -31.10 12.03 23.31
N ALA B 522 -30.44 13.10 22.84
CA ALA B 522 -31.06 14.24 22.11
C ALA B 522 -31.75 13.76 20.82
N SER B 523 -31.11 12.87 20.06
CA SER B 523 -31.65 12.29 18.81
C SER B 523 -33.00 11.61 19.08
N LYS B 524 -33.06 10.74 20.09
CA LYS B 524 -34.30 10.00 20.44
C LYS B 524 -35.33 11.02 20.95
N ILE B 525 -34.95 11.99 21.79
CA ILE B 525 -35.93 12.93 22.41
C ILE B 525 -36.38 14.06 21.46
N LEU B 526 -35.51 14.58 20.59
CA LEU B 526 -35.80 15.76 19.75
C LEU B 526 -35.99 15.33 18.30
N GLY B 527 -35.39 14.22 17.89
CA GLY B 527 -35.29 13.84 16.47
C GLY B 527 -34.57 14.86 15.60
N LEU B 528 -33.81 15.79 16.16
CA LEU B 528 -32.91 16.60 15.31
C LEU B 528 -31.74 15.74 14.85
N PRO B 529 -31.12 16.05 13.69
CA PRO B 529 -29.82 15.47 13.33
C PRO B 529 -28.82 15.92 14.41
N THR B 530 -27.88 15.04 14.76
CA THR B 530 -26.86 15.29 15.81
C THR B 530 -25.45 15.25 15.21
N GLN B 531 -24.55 16.00 15.85
CA GLN B 531 -23.10 16.11 15.55
C GLN B 531 -22.37 16.39 16.87
N THR B 532 -21.22 15.80 17.08
CA THR B 532 -20.29 16.32 18.10
C THR B 532 -19.62 17.52 17.46
N VAL B 533 -19.16 18.46 18.26
CA VAL B 533 -18.39 19.62 17.73
C VAL B 533 -17.29 19.07 16.82
N ASP B 534 -16.62 18.00 17.27
CA ASP B 534 -15.44 17.39 16.60
C ASP B 534 -15.86 16.89 15.21
N SER B 535 -17.07 16.33 15.02
CA SER B 535 -17.55 15.82 13.69
C SER B 535 -18.30 16.90 12.91
N SER B 536 -18.51 18.09 13.50
CA SER B 536 -19.19 19.24 12.86
C SER B 536 -18.17 20.12 12.14
N GLN B 537 -16.90 20.12 12.57
CA GLN B 537 -15.80 20.92 11.97
C GLN B 537 -15.82 20.70 10.45
N GLY B 538 -15.90 21.79 9.69
CA GLY B 538 -15.95 21.79 8.21
C GLY B 538 -17.37 21.73 7.66
N SER B 539 -18.38 21.62 8.51
CA SER B 539 -19.80 21.55 8.08
C SER B 539 -20.51 22.85 8.46
N GLU B 540 -21.61 23.16 7.78
CA GLU B 540 -22.43 24.35 8.11
C GLU B 540 -23.89 23.97 8.05
N TYR B 541 -24.67 24.60 8.92
CA TYR B 541 -26.14 24.38 9.04
C TYR B 541 -26.80 25.75 9.23
N ASP B 542 -28.03 25.91 8.73
CA ASP B 542 -28.81 27.16 8.87
C ASP B 542 -28.96 27.46 10.37
N TYR B 543 -29.37 26.43 11.10
CA TYR B 543 -29.77 26.53 12.51
C TYR B 543 -29.10 25.44 13.32
N VAL B 544 -28.56 25.81 14.46
CA VAL B 544 -27.73 24.93 15.33
C VAL B 544 -28.33 25.00 16.72
N ILE B 545 -28.54 23.87 17.37
CA ILE B 545 -28.89 23.87 18.81
C ILE B 545 -27.75 23.18 19.56
N PHE B 546 -27.06 23.94 20.39
CA PHE B 546 -25.86 23.48 21.12
C PHE B 546 -26.22 23.47 22.59
N THR B 547 -26.11 22.31 23.23
CA THR B 547 -26.11 22.12 24.70
C THR B 547 -24.68 21.83 25.19
N GLN B 548 -24.14 22.69 26.05
CA GLN B 548 -22.76 22.53 26.56
C GLN B 548 -22.64 21.20 27.34
N THR B 549 -23.74 20.74 27.97
CA THR B 549 -23.87 19.46 28.73
C THR B 549 -23.14 19.51 30.08
N THR B 550 -21.87 19.94 30.10
CA THR B 550 -21.06 20.04 31.35
C THR B 550 -20.25 21.34 31.34
N GLU B 551 -19.55 21.58 32.46
CA GLU B 551 -18.66 22.74 32.67
C GLU B 551 -17.21 22.27 32.74
N THR B 552 -16.90 21.09 32.19
CA THR B 552 -15.54 20.53 32.12
C THR B 552 -14.63 21.36 31.19
N ALA B 553 -13.32 21.14 31.29
CA ALA B 553 -12.28 21.69 30.39
C ALA B 553 -12.60 21.30 28.95
N HIS B 554 -13.02 20.05 28.71
CA HIS B 554 -13.42 19.56 27.36
C HIS B 554 -14.53 20.44 26.81
N SER B 555 -15.59 20.66 27.59
CA SER B 555 -16.82 21.34 27.12
C SER B 555 -16.60 22.87 27.06
N CYS B 556 -15.56 23.40 27.74
CA CYS B 556 -15.21 24.84 27.79
C CYS B 556 -14.03 25.16 26.86
N ASN B 557 -13.47 24.17 26.19
CA ASN B 557 -12.30 24.40 25.32
C ASN B 557 -12.67 25.46 24.30
N VAL B 558 -11.91 26.57 24.22
CA VAL B 558 -12.34 27.73 23.39
C VAL B 558 -12.31 27.32 21.92
N ASN B 559 -11.41 26.44 21.49
CA ASN B 559 -11.37 26.00 20.06
C ASN B 559 -12.63 25.20 19.71
N ARG B 560 -13.09 24.35 20.62
CA ARG B 560 -14.28 23.50 20.44
C ARG B 560 -15.49 24.44 20.34
N PHE B 561 -15.59 25.35 21.29
CA PHE B 561 -16.67 26.35 21.35
C PHE B 561 -16.69 27.13 20.03
N ASN B 562 -15.54 27.73 19.64
CA ASN B 562 -15.30 28.42 18.34
C ASN B 562 -15.92 27.59 17.21
N VAL B 563 -15.66 26.28 17.17
CA VAL B 563 -16.19 25.39 16.09
C VAL B 563 -17.68 25.18 16.28
N ALA B 564 -18.15 25.06 17.52
CA ALA B 564 -19.56 24.67 17.77
C ALA B 564 -20.44 25.78 17.19
N ILE B 565 -20.17 27.02 17.56
CA ILE B 565 -21.08 28.15 17.25
C ILE B 565 -20.87 28.64 15.81
N THR B 566 -19.74 28.37 15.18
CA THR B 566 -19.48 28.86 13.79
C THR B 566 -20.06 27.85 12.80
N ARG B 567 -20.91 26.93 13.27
CA ARG B 567 -21.54 25.95 12.34
C ARG B 567 -22.80 26.61 11.75
N ALA B 568 -23.30 27.68 12.38
CA ALA B 568 -24.59 28.31 12.05
C ALA B 568 -24.45 29.36 10.92
N LYS B 569 -25.37 29.32 9.95
CA LYS B 569 -25.54 30.37 8.90
C LYS B 569 -26.60 31.38 9.33
N VAL B 570 -27.68 30.93 9.95
CA VAL B 570 -28.82 31.84 10.24
C VAL B 570 -28.89 32.11 11.73
N GLY B 571 -29.14 31.06 12.54
CA GLY B 571 -29.40 31.22 13.98
C GLY B 571 -28.83 30.07 14.80
N ILE B 572 -28.53 30.32 16.07
CA ILE B 572 -28.04 29.31 17.05
C ILE B 572 -28.76 29.49 18.38
N LEU B 573 -29.07 28.38 19.05
CA LEU B 573 -29.51 28.36 20.46
C LEU B 573 -28.38 27.71 21.27
N CYS B 574 -27.76 28.41 22.21
CA CYS B 574 -26.70 27.84 23.09
C CYS B 574 -27.25 27.64 24.49
N ILE B 575 -27.48 26.40 24.93
CA ILE B 575 -27.86 26.11 26.35
C ILE B 575 -26.56 25.86 27.09
N MET B 576 -26.10 26.82 27.89
CA MET B 576 -24.75 26.85 28.49
C MET B 576 -24.80 26.36 29.95
N SER B 577 -23.66 25.86 30.40
CA SER B 577 -23.32 25.42 31.78
C SER B 577 -22.31 26.41 32.37
N ASP B 578 -21.36 26.87 31.54
CA ASP B 578 -20.22 27.70 31.93
C ASP B 578 -20.65 29.15 31.88
N ARG B 579 -20.52 29.86 33.02
CA ARG B 579 -20.84 31.30 33.12
C ARG B 579 -19.88 32.12 32.25
N ASP B 580 -18.61 31.70 32.18
CA ASP B 580 -17.54 32.40 31.43
C ASP B 580 -17.93 32.52 29.94
N LEU B 581 -18.18 31.40 29.27
CA LEU B 581 -18.48 31.39 27.83
C LEU B 581 -19.88 31.95 27.60
N TYR B 582 -20.85 31.62 28.46
CA TYR B 582 -22.18 32.27 28.43
C TYR B 582 -22.02 33.81 28.31
N ASP B 583 -21.22 34.41 29.18
CA ASP B 583 -21.05 35.88 29.30
C ASP B 583 -20.29 36.38 28.06
N LYS B 584 -19.48 35.52 27.46
CA LYS B 584 -18.73 35.83 26.23
C LYS B 584 -19.69 35.78 25.02
N LEU B 585 -20.81 35.09 25.13
CA LEU B 585 -21.78 34.97 24.00
C LEU B 585 -22.53 36.29 23.82
N GLN B 586 -22.29 36.98 22.70
CA GLN B 586 -22.96 38.25 22.30
C GLN B 586 -24.29 37.87 21.62
N PHE B 587 -25.16 37.23 22.39
CA PHE B 587 -26.44 36.63 21.94
C PHE B 587 -27.51 37.18 22.88
N THR B 588 -28.77 37.11 22.43
CA THR B 588 -29.96 37.47 23.22
C THR B 588 -30.12 36.43 24.34
N SER B 589 -30.22 36.84 25.59
CA SER B 589 -30.42 35.89 26.72
C SER B 589 -31.90 35.46 26.82
N LEU B 590 -32.20 34.18 27.02
CA LEU B 590 -33.58 33.67 27.22
C LEU B 590 -33.76 33.24 28.68
N GLU B 591 -34.91 33.54 29.30
CA GLU B 591 -35.25 33.05 30.67
C GLU B 591 -35.55 31.55 30.58
N ILE B 592 -35.43 30.84 31.71
CA ILE B 592 -35.71 29.38 31.89
C ILE B 592 -37.17 29.21 32.31
N PRO B 593 -38.04 28.54 31.52
CA PRO B 593 -39.40 28.24 31.97
C PRO B 593 -39.47 27.06 32.95
ZN ZN C . -9.40 20.35 -42.47
ZN ZN D . 1.33 4.20 -31.83
ZN ZN E . 13.13 9.06 -30.16
P PO4 F . 14.77 -26.77 -3.89
O1 PO4 F . 13.57 -27.50 -4.46
O2 PO4 F . 15.81 -26.57 -5.01
O3 PO4 F . 15.42 -27.57 -2.77
O4 PO4 F . 14.31 -25.42 -3.30
P PO4 G . 11.03 -27.03 -7.52
O1 PO4 G . 11.09 -28.53 -7.38
O2 PO4 G . 12.28 -26.58 -8.25
O3 PO4 G . 9.78 -26.64 -8.34
O4 PO4 G . 10.98 -26.39 -6.16
C4 VWD H . -16.56 31.31 0.96
C5 VWD H . -15.93 32.50 1.29
C6 VWD H . -15.23 33.21 0.33
C7 VWD H . -15.16 32.74 -0.96
C8 VWD H . -15.76 31.55 -1.30
C1 VWD H . -21.25 30.68 3.51
S1 VWD H . -19.77 29.84 3.14
O1 VWD H . -19.12 29.52 4.37
O2 VWD H . -20.10 28.77 2.24
C2 VWD H . -18.74 31.00 2.25
C3 VWD H . -17.31 30.51 2.02
O3 VWD H . -16.60 30.59 3.24
C9 VWD H . -16.46 30.82 -0.34
ZN ZN I . 16.20 4.79 25.75
ZN ZN J . 25.13 11.70 20.34
ZN ZN K . 26.13 -13.40 32.09
P PO4 L . -13.98 27.79 4.28
O1 PO4 L . -13.42 26.58 3.52
O2 PO4 L . -14.85 27.35 5.48
O3 PO4 L . -14.77 28.62 3.31
O4 PO4 L . -12.83 28.65 4.80
P PO4 M . -14.57 25.69 8.70
O1 PO4 M . -14.80 25.33 7.23
O2 PO4 M . -14.48 24.43 9.53
O3 PO4 M . -15.71 26.53 9.20
O4 PO4 M . -13.26 26.44 8.85
#